data_7XVV
#
_entry.id   7XVV
#
_cell.length_a   125.890
_cell.length_b   125.890
_cell.length_c   110.988
_cell.angle_alpha   90.000
_cell.angle_beta   90.000
_cell.angle_gamma   90.000
#
_symmetry.space_group_name_H-M   'I 4'
#
loop_
_entity.id
_entity.type
_entity.pdbx_description
1 polymer Neuraminidase
2 non-polymer ZANAMIVIR
3 non-polymer 2-acetamido-2-deoxy-beta-D-glucopyranose
4 non-polymer 'CALCIUM ION'
5 water water
#
_entity_poly.entity_id   1
_entity_poly.type   'polypeptide(L)'
_entity_poly.pdbx_seq_one_letter_code
;GSLVPRGSPSRSEFTEWRFPKSTCPGRSLQKMLQLNPHRHATAGSQAATIPNREPFISCSQDECRLFTLDHDVSTPGAYD
GITWEDRSKRRRLVSFPLGSELTLDNMKVHLSGWSGTACHDGKEWTYATVNGPDNSAVMRLKYGDQIRGSFPSYANNILR
TQESECVCIDGKCYIIVIDGPAGGTATPKVLVTREGEVTSEIIVTGRNKMGEECSCLATNRTWIECLCRDNAFSAKRPII
RIDTVAGTARGYLMCSDTYLDTPRPADGSITGSCETDGTSGGGGVKGAFALSRTTEATTERFYVRTVSSSARSGAVFYKT
TDDPTESNNPLTLIGTAVGGAIPMWYSFSFEIPGKVCDQTCIGLEMGLTMGHQLWTSNSVAVYCVIGDNLDWDSTTDVVP
ADIV
;
_entity_poly.pdbx_strand_id   A,B
#
# COMPACT_ATOMS: atom_id res chain seq x y z
N GLU A 16 25.73 9.26 -32.92
CA GLU A 16 24.84 8.23 -33.44
C GLU A 16 23.57 8.10 -32.61
N TRP A 17 23.58 7.13 -31.71
CA TRP A 17 22.43 6.89 -30.85
C TRP A 17 22.29 8.00 -29.81
N ARG A 18 21.05 8.34 -29.51
CA ARG A 18 20.75 9.27 -28.42
CA ARG A 18 20.80 9.29 -28.43
C ARG A 18 21.10 8.65 -27.08
N PHE A 19 21.65 9.45 -26.17
CA PHE A 19 21.93 9.04 -24.80
C PHE A 19 21.90 10.28 -23.92
N PRO A 20 21.67 10.12 -22.62
CA PRO A 20 21.51 11.30 -21.76
C PRO A 20 22.84 11.96 -21.43
N LYS A 21 22.91 13.28 -21.59
CA LYS A 21 24.04 14.08 -21.13
C LYS A 21 23.67 14.84 -19.86
N SER A 22 24.68 15.44 -19.24
CA SER A 22 24.44 16.36 -18.13
C SER A 22 23.56 17.50 -18.61
N THR A 23 22.66 17.97 -17.73
CA THR A 23 21.72 19.00 -18.14
C THR A 23 22.33 20.39 -18.05
N CYS A 24 21.85 21.28 -18.91
CA CYS A 24 22.27 22.67 -18.85
CA CYS A 24 22.22 22.69 -18.86
C CYS A 24 21.94 23.23 -17.47
N PRO A 25 22.85 24.00 -16.87
CA PRO A 25 22.63 24.46 -15.48
C PRO A 25 21.40 25.35 -15.39
N GLY A 26 20.64 25.14 -14.33
CA GLY A 26 19.40 25.87 -14.14
C GLY A 26 18.84 25.53 -12.77
N ARG A 27 18.21 26.50 -12.12
CA ARG A 27 17.79 26.36 -10.74
C ARG A 27 16.31 26.71 -10.54
N SER A 28 15.53 26.79 -11.62
CA SER A 28 14.12 27.18 -11.56
C SER A 28 13.46 26.75 -12.87
N LEU A 29 12.19 27.14 -13.04
CA LEU A 29 11.46 26.92 -14.28
C LEU A 29 11.05 28.27 -14.84
N GLN A 30 11.30 28.49 -16.13
CA GLN A 30 10.94 29.75 -16.78
C GLN A 30 10.26 29.46 -18.12
N LYS A 31 9.40 30.39 -18.54
CA LYS A 31 8.53 30.11 -19.67
C LYS A 31 9.31 30.09 -20.98
N MET A 32 9.04 29.08 -21.81
CA MET A 32 9.56 29.08 -23.18
C MET A 32 8.54 29.72 -24.11
N LEU A 33 7.46 29.01 -24.40
CA LEU A 33 6.45 29.51 -25.33
C LEU A 33 5.10 28.92 -24.96
N GLN A 34 4.09 29.31 -25.74
CA GLN A 34 2.75 28.82 -25.58
C GLN A 34 2.10 28.74 -26.96
N LEU A 35 1.38 27.66 -27.19
CA LEU A 35 0.56 27.48 -28.37
C LEU A 35 -0.90 27.55 -27.97
N ASN A 36 -1.70 28.27 -28.75
CA ASN A 36 -3.06 28.62 -28.34
C ASN A 36 -3.92 28.71 -29.60
N PRO A 37 -4.10 27.58 -30.30
CA PRO A 37 -4.75 27.64 -31.62
C PRO A 37 -6.16 28.18 -31.60
N HIS A 38 -6.92 27.98 -30.52
CA HIS A 38 -8.33 28.35 -30.59
C HIS A 38 -8.56 29.83 -30.31
N ARG A 39 -7.51 30.62 -30.02
CA ARG A 39 -7.61 32.06 -30.19
C ARG A 39 -8.08 32.42 -31.60
N HIS A 40 -7.83 31.53 -32.56
CA HIS A 40 -8.12 31.77 -33.96
C HIS A 40 -9.43 31.14 -34.42
N ALA A 41 -10.28 30.66 -33.51
CA ALA A 41 -11.54 30.03 -33.88
C ALA A 41 -12.75 30.86 -33.47
N THR A 42 -12.60 32.19 -33.48
CA THR A 42 -13.66 33.09 -33.07
C THR A 42 -14.41 33.61 -34.31
N ALA A 43 -15.47 34.38 -34.09
CA ALA A 43 -16.28 34.88 -35.19
C ALA A 43 -15.44 35.76 -36.11
N GLY A 44 -15.62 35.56 -37.42
CA GLY A 44 -14.86 36.26 -38.41
C GLY A 44 -13.54 35.63 -38.77
N SER A 45 -13.00 34.74 -37.93
CA SER A 45 -11.67 34.19 -38.16
C SER A 45 -11.69 33.25 -39.36
N GLN A 46 -10.48 32.97 -39.88
CA GLN A 46 -10.33 32.26 -41.14
C GLN A 46 -9.48 31.00 -41.01
N ALA A 47 -9.40 30.42 -39.82
CA ALA A 47 -8.49 29.32 -39.52
C ALA A 47 -9.24 28.03 -39.25
N ALA A 48 -8.69 26.92 -39.75
CA ALA A 48 -9.15 25.58 -39.39
C ALA A 48 -8.26 25.08 -38.24
N THR A 49 -8.70 25.26 -37.00
CA THR A 49 -7.87 24.89 -35.85
C THR A 49 -8.17 23.46 -35.44
N ILE A 50 -7.18 22.81 -34.82
CA ILE A 50 -7.29 21.39 -34.51
C ILE A 50 -7.58 21.16 -33.03
N PRO A 51 -8.81 20.85 -32.64
CA PRO A 51 -9.08 20.54 -31.24
C PRO A 51 -8.44 19.22 -30.87
N ASN A 52 -7.93 19.13 -29.65
CA ASN A 52 -7.10 17.99 -29.31
C ASN A 52 -7.01 17.86 -27.80
N ARG A 53 -6.52 16.71 -27.36
CA ARG A 53 -6.25 16.48 -25.94
C ARG A 53 -5.08 15.51 -25.81
N GLU A 54 -4.55 15.43 -24.59
CA GLU A 54 -3.33 14.68 -24.30
C GLU A 54 -2.14 15.10 -25.16
N PRO A 55 -1.81 16.39 -25.20
CA PRO A 55 -0.64 16.83 -25.95
C PRO A 55 0.65 16.53 -25.19
N PHE A 56 1.73 16.40 -25.96
CA PHE A 56 3.07 16.31 -25.39
C PHE A 56 4.06 16.74 -26.46
N ILE A 57 5.33 16.86 -26.05
CA ILE A 57 6.41 17.31 -26.93
C ILE A 57 7.52 16.28 -26.88
N SER A 58 8.11 16.01 -28.04
CA SER A 58 9.27 15.16 -28.13
C SER A 58 10.21 15.74 -29.16
N CYS A 59 11.50 15.52 -28.97
CA CYS A 59 12.50 16.19 -29.79
C CYS A 59 13.52 15.21 -30.35
N SER A 60 13.96 15.50 -31.56
CA SER A 60 15.19 14.96 -32.11
C SER A 60 16.28 16.02 -32.01
N GLN A 61 17.48 15.69 -32.48
CA GLN A 61 18.52 16.71 -32.50
C GLN A 61 18.22 17.80 -33.51
N ASP A 62 17.36 17.54 -34.50
CA ASP A 62 17.02 18.49 -35.53
C ASP A 62 15.87 19.42 -35.14
N GLU A 63 14.81 18.89 -34.56
CA GLU A 63 13.62 19.69 -34.32
C GLU A 63 12.83 19.08 -33.18
N CYS A 64 12.09 19.94 -32.47
CA CYS A 64 11.10 19.48 -31.53
C CYS A 64 9.73 19.44 -32.21
N ARG A 65 8.86 18.58 -31.71
CA ARG A 65 7.54 18.43 -32.29
C ARG A 65 6.49 18.36 -31.18
N LEU A 66 5.35 19.00 -31.42
CA LEU A 66 4.20 18.92 -30.54
C LEU A 66 3.31 17.77 -31.03
N PHE A 67 3.21 16.71 -30.24
CA PHE A 67 2.33 15.60 -30.54
C PHE A 67 1.02 15.77 -29.78
N THR A 68 -0.05 15.23 -30.35
CA THR A 68 -1.32 15.23 -29.61
C THR A 68 -2.27 14.23 -30.25
N LEU A 69 -3.37 13.96 -29.58
CA LEU A 69 -4.41 13.08 -30.09
C LEU A 69 -5.58 13.91 -30.60
N ASP A 70 -5.85 13.83 -31.90
CA ASP A 70 -6.90 14.63 -32.50
C ASP A 70 -8.21 13.85 -32.54
N HIS A 71 -9.20 14.40 -33.26
CA HIS A 71 -10.52 13.79 -33.44
C HIS A 71 -10.98 13.83 -34.88
N ASP A 72 -10.06 13.97 -35.84
CA ASP A 72 -10.42 13.91 -37.25
C ASP A 72 -11.42 15.02 -37.60
N VAL A 73 -11.14 16.23 -37.12
CA VAL A 73 -12.06 17.35 -37.26
C VAL A 73 -11.30 18.63 -36.96
N SER A 74 -11.78 19.75 -37.51
CA SER A 74 -11.25 21.04 -37.12
C SER A 74 -12.36 21.92 -36.54
N THR A 75 -11.95 22.96 -35.84
CA THR A 75 -12.83 23.92 -35.22
C THR A 75 -12.56 25.29 -35.82
N PRO A 76 -13.57 26.01 -36.30
CA PRO A 76 -15.01 25.67 -36.31
C PRO A 76 -15.30 24.53 -37.29
N GLY A 77 -16.37 23.80 -37.01
CA GLY A 77 -16.82 22.75 -37.88
C GLY A 77 -17.97 21.99 -37.26
N ALA A 78 -18.82 21.37 -38.08
CA ALA A 78 -20.04 20.77 -37.56
C ALA A 78 -19.78 19.52 -36.71
N TYR A 79 -18.69 18.81 -36.96
CA TYR A 79 -18.45 17.54 -36.28
C TYR A 79 -17.63 17.69 -35.01
N ASP A 80 -17.30 18.92 -34.59
CA ASP A 80 -16.33 19.02 -33.50
C ASP A 80 -16.95 18.84 -32.12
N GLY A 81 -18.21 18.42 -32.05
CA GLY A 81 -18.81 18.15 -30.76
C GLY A 81 -18.37 16.86 -30.13
N ILE A 82 -17.65 16.00 -30.86
CA ILE A 82 -17.18 14.73 -30.30
C ILE A 82 -15.87 14.87 -29.54
N THR A 83 -15.32 16.08 -29.46
CA THR A 83 -13.96 16.25 -28.97
C THR A 83 -13.80 15.99 -27.48
N TRP A 84 -14.89 15.72 -26.76
CA TRP A 84 -14.79 15.31 -25.36
C TRP A 84 -14.45 13.83 -25.19
N GLU A 85 -14.64 13.01 -26.22
CA GLU A 85 -14.51 11.56 -26.10
C GLU A 85 -13.06 11.15 -25.84
N ASP A 86 -12.89 10.13 -25.00
CA ASP A 86 -11.55 9.61 -24.77
C ASP A 86 -11.10 8.67 -25.90
N ARG A 87 -12.00 7.81 -26.36
CA ARG A 87 -11.64 6.74 -27.28
C ARG A 87 -12.69 6.63 -28.38
N SER A 88 -12.23 6.57 -29.63
CA SER A 88 -13.12 6.41 -30.78
C SER A 88 -12.29 5.96 -31.96
N LYS A 89 -12.98 5.61 -33.05
CA LYS A 89 -12.32 5.30 -34.31
C LYS A 89 -11.82 6.54 -35.04
N ARG A 90 -12.08 7.73 -34.51
CA ARG A 90 -11.69 8.97 -35.17
C ARG A 90 -10.33 9.49 -34.72
N ARG A 91 -9.90 9.16 -33.50
CA ARG A 91 -8.71 9.79 -32.95
C ARG A 91 -7.43 9.25 -33.57
N ARG A 92 -6.43 10.13 -33.66
CA ARG A 92 -5.15 9.79 -34.25
C ARG A 92 -4.04 10.49 -33.48
N LEU A 93 -2.87 9.88 -33.45
CA LEU A 93 -1.68 10.58 -32.99
C LEU A 93 -1.14 11.44 -34.13
N VAL A 94 -1.15 12.76 -33.95
CA VAL A 94 -0.73 13.72 -34.97
C VAL A 94 0.37 14.57 -34.35
N SER A 95 1.10 15.31 -35.20
CA SER A 95 2.12 16.19 -34.65
C SER A 95 2.32 17.42 -35.53
N PHE A 96 2.98 18.41 -34.95
CA PHE A 96 3.23 19.73 -35.55
C PHE A 96 4.67 20.07 -35.20
N PRO A 97 5.44 20.66 -36.12
CA PRO A 97 6.72 21.23 -35.71
C PRO A 97 6.49 22.17 -34.55
N LEU A 98 7.34 22.09 -33.52
CA LEU A 98 7.12 22.90 -32.33
C LEU A 98 7.27 24.38 -32.67
N GLY A 99 6.22 25.15 -32.41
CA GLY A 99 6.17 26.54 -32.81
C GLY A 99 5.22 26.79 -33.95
N SER A 100 4.87 25.77 -34.71
CA SER A 100 3.78 25.91 -35.67
C SER A 100 2.47 25.89 -34.90
N GLU A 101 1.56 26.79 -35.27
CA GLU A 101 0.27 26.75 -34.61
C GLU A 101 -0.53 25.55 -35.10
N LEU A 102 -1.52 25.15 -34.31
CA LEU A 102 -2.17 23.85 -34.48
C LEU A 102 -3.34 24.01 -35.44
N THR A 103 -3.01 24.07 -36.74
CA THR A 103 -3.99 24.22 -37.81
C THR A 103 -3.97 23.00 -38.71
N LEU A 104 -5.02 22.87 -39.51
CA LEU A 104 -5.18 21.70 -40.36
C LEU A 104 -3.98 21.50 -41.29
N ASP A 105 -3.51 22.57 -41.94
CA ASP A 105 -2.43 22.41 -42.91
C ASP A 105 -1.08 22.13 -42.25
N ASN A 106 -0.89 22.49 -40.99
CA ASN A 106 0.36 22.21 -40.30
C ASN A 106 0.41 20.79 -39.73
N MET A 107 -0.72 20.11 -39.64
CA MET A 107 -0.80 18.83 -38.96
C MET A 107 -0.19 17.69 -39.77
N LYS A 108 0.45 16.75 -39.07
CA LYS A 108 0.94 15.52 -39.69
C LYS A 108 0.38 14.33 -38.92
N VAL A 109 -0.32 13.44 -39.63
CA VAL A 109 -0.93 12.26 -39.03
C VAL A 109 0.10 11.13 -39.02
N HIS A 110 0.26 10.48 -37.87
CA HIS A 110 1.18 9.36 -37.73
C HIS A 110 0.48 8.01 -37.62
N LEU A 111 -0.47 7.87 -36.70
CA LEU A 111 -1.11 6.58 -36.45
C LEU A 111 -2.52 6.82 -35.92
N SER A 112 -3.48 6.02 -36.38
CA SER A 112 -4.78 6.00 -35.71
C SER A 112 -4.63 5.42 -34.31
N GLY A 113 -5.41 5.93 -33.38
CA GLY A 113 -5.43 5.41 -32.02
C GLY A 113 -5.74 6.50 -31.01
N TRP A 114 -5.93 6.08 -29.75
CA TRP A 114 -6.49 6.96 -28.74
C TRP A 114 -5.65 6.98 -27.46
N SER A 115 -4.42 6.49 -27.52
CA SER A 115 -3.44 6.64 -26.46
C SER A 115 -2.09 6.58 -27.15
N GLY A 116 -1.17 7.45 -26.78
CA GLY A 116 0.02 7.58 -27.60
C GLY A 116 1.30 7.92 -26.87
N THR A 117 2.40 7.76 -27.60
CA THR A 117 3.73 8.17 -27.16
C THR A 117 4.63 8.20 -28.40
N ALA A 118 5.77 8.86 -28.26
CA ALA A 118 6.72 8.97 -29.37
C ALA A 118 8.08 9.39 -28.81
N CYS A 119 9.14 8.95 -29.47
CA CYS A 119 10.47 9.35 -29.03
C CYS A 119 11.45 9.02 -30.15
N HIS A 120 12.49 9.82 -30.22
CA HIS A 120 13.50 9.73 -31.27
C HIS A 120 14.76 9.08 -30.70
N ASP A 121 15.30 8.08 -31.38
CA ASP A 121 16.43 7.35 -30.82
C ASP A 121 17.78 7.88 -31.31
N GLY A 122 17.80 8.98 -32.05
CA GLY A 122 18.99 9.49 -32.68
C GLY A 122 19.05 9.23 -34.17
N LYS A 123 18.34 8.24 -34.64
CA LYS A 123 18.27 7.94 -36.06
C LYS A 123 16.87 8.08 -36.63
N GLU A 124 15.84 7.59 -35.93
CA GLU A 124 14.50 7.60 -36.47
C GLU A 124 13.49 7.83 -35.34
N TRP A 125 12.33 8.36 -35.71
CA TRP A 125 11.20 8.44 -34.78
C TRP A 125 10.58 7.07 -34.55
N THR A 126 10.25 6.79 -33.29
CA THR A 126 9.32 5.75 -32.92
C THR A 126 8.02 6.41 -32.50
N TYR A 127 6.91 6.01 -33.12
CA TYR A 127 5.57 6.46 -32.75
C TYR A 127 4.79 5.24 -32.28
N ALA A 128 3.98 5.40 -31.24
CA ALA A 128 3.21 4.27 -30.74
C ALA A 128 1.83 4.76 -30.33
N THR A 129 0.80 4.05 -30.76
CA THR A 129 -0.56 4.30 -30.30
C THR A 129 -1.25 2.99 -29.99
N VAL A 130 -2.28 3.07 -29.17
CA VAL A 130 -3.19 1.97 -28.94
C VAL A 130 -4.45 2.22 -29.76
N ASN A 131 -4.88 1.21 -30.53
CA ASN A 131 -6.05 1.26 -31.37
C ASN A 131 -6.89 0.02 -31.07
N GLY A 132 -8.19 0.13 -31.27
CA GLY A 132 -9.06 -1.00 -31.12
C GLY A 132 -10.11 -0.83 -30.05
N PRO A 133 -10.98 -1.83 -29.90
CA PRO A 133 -12.01 -1.78 -28.87
C PRO A 133 -11.39 -1.90 -27.47
N ASP A 134 -12.19 -1.51 -26.46
CA ASP A 134 -11.69 -1.48 -25.08
C ASP A 134 -11.20 -2.85 -24.63
N ASN A 135 -11.86 -3.91 -25.07
CA ASN A 135 -11.54 -5.24 -24.56
C ASN A 135 -10.53 -5.99 -25.41
N SER A 136 -10.04 -5.43 -26.52
CA SER A 136 -9.01 -6.12 -27.29
C SER A 136 -8.16 -5.15 -28.10
N ALA A 137 -7.65 -4.11 -27.46
CA ALA A 137 -6.86 -3.10 -28.14
C ALA A 137 -5.45 -3.61 -28.43
N VAL A 138 -4.77 -2.94 -29.35
CA VAL A 138 -3.45 -3.35 -29.83
C VAL A 138 -2.58 -2.10 -29.94
N MET A 139 -1.40 -2.13 -29.31
CA MET A 139 -0.43 -1.08 -29.56
C MET A 139 0.35 -1.41 -30.84
N ARG A 140 0.40 -0.47 -31.78
CA ARG A 140 1.28 -0.59 -32.93
C ARG A 140 2.40 0.43 -32.83
N LEU A 141 3.61 0.03 -33.20
CA LEU A 141 4.78 0.88 -33.09
C LEU A 141 5.33 1.12 -34.48
N LYS A 142 5.42 2.38 -34.86
CA LYS A 142 5.90 2.78 -36.18
C LYS A 142 7.32 3.33 -36.02
N TYR A 143 8.24 2.83 -36.84
CA TYR A 143 9.63 3.28 -36.81
C TYR A 143 9.94 3.91 -38.16
N GLY A 144 10.10 5.22 -38.17
CA GLY A 144 10.17 5.95 -39.43
C GLY A 144 8.83 5.87 -40.12
N ASP A 145 8.76 5.15 -41.24
CA ASP A 145 7.53 5.05 -42.00
C ASP A 145 6.85 3.69 -41.90
N GLN A 146 7.48 2.70 -41.27
CA GLN A 146 6.96 1.33 -41.24
C GLN A 146 6.40 0.98 -39.87
N ILE A 147 5.35 0.15 -39.85
CA ILE A 147 4.87 -0.39 -38.58
C ILE A 147 5.73 -1.60 -38.26
N ARG A 148 6.66 -1.44 -37.31
CA ARG A 148 7.60 -2.51 -37.00
C ARG A 148 7.22 -3.32 -35.77
N GLY A 149 6.32 -2.82 -34.93
CA GLY A 149 6.01 -3.48 -33.68
C GLY A 149 4.52 -3.55 -33.46
N SER A 150 4.11 -4.59 -32.74
CA SER A 150 2.71 -4.78 -32.39
C SER A 150 2.67 -5.45 -31.03
N PHE A 151 1.86 -4.90 -30.13
CA PHE A 151 1.78 -5.41 -28.77
C PHE A 151 0.32 -5.45 -28.38
N PRO A 152 -0.28 -6.61 -28.25
CA PRO A 152 -1.71 -6.69 -27.95
C PRO A 152 -1.99 -6.52 -26.45
N SER A 153 -3.22 -6.12 -26.18
CA SER A 153 -3.71 -5.98 -24.81
C SER A 153 -3.50 -7.29 -24.04
N TYR A 154 -2.98 -7.20 -22.81
CA TYR A 154 -2.73 -8.39 -22.00
C TYR A 154 -3.71 -8.55 -20.85
N ALA A 155 -4.52 -7.53 -20.56
CA ALA A 155 -5.55 -7.67 -19.56
C ALA A 155 -6.90 -7.34 -20.15
N ASN A 156 -6.96 -6.98 -21.43
CA ASN A 156 -8.20 -6.84 -22.16
C ASN A 156 -9.13 -5.81 -21.49
N ASN A 157 -8.53 -4.74 -20.98
CA ASN A 157 -9.32 -3.70 -20.32
C ASN A 157 -8.57 -2.38 -20.55
N ILE A 158 -8.71 -1.85 -21.77
CA ILE A 158 -8.18 -0.55 -22.19
C ILE A 158 -6.66 -0.48 -22.02
N LEU A 159 -5.94 -1.24 -22.84
CA LEU A 159 -4.50 -1.04 -22.95
C LEU A 159 -4.22 0.43 -23.27
N ARG A 160 -3.23 1.01 -22.59
CA ARG A 160 -3.01 2.45 -22.70
C ARG A 160 -1.58 2.76 -22.29
N THR A 161 -1.10 3.94 -22.71
CA THR A 161 0.31 4.25 -22.48
C THR A 161 0.49 5.66 -21.93
N GLN A 162 1.64 6.30 -22.19
CA GLN A 162 2.08 7.43 -21.39
C GLN A 162 1.35 8.75 -21.68
N GLU A 163 0.96 9.01 -22.93
CA GLU A 163 0.54 10.35 -23.36
C GLU A 163 1.65 11.39 -23.14
N SER A 164 2.90 10.93 -23.16
CA SER A 164 4.07 11.80 -23.21
C SER A 164 5.19 10.98 -23.83
N GLU A 165 6.33 11.63 -24.06
CA GLU A 165 7.38 10.99 -24.84
C GLU A 165 7.99 9.80 -24.10
N CYS A 166 8.37 8.80 -24.88
CA CYS A 166 9.17 7.71 -24.32
C CYS A 166 10.63 8.15 -24.25
N VAL A 167 11.47 7.28 -23.72
CA VAL A 167 12.88 7.60 -23.48
C VAL A 167 13.72 6.59 -24.26
N CYS A 168 14.63 7.08 -25.11
CA CYS A 168 15.53 6.23 -25.88
C CYS A 168 16.95 6.40 -25.38
N ILE A 169 17.62 5.29 -25.09
CA ILE A 169 19.01 5.27 -24.64
C ILE A 169 19.76 4.19 -25.42
N ASP A 170 20.81 4.58 -26.13
CA ASP A 170 21.74 3.62 -26.78
C ASP A 170 21.03 2.71 -27.78
N GLY A 171 20.07 3.26 -28.51
CA GLY A 171 19.37 2.51 -29.55
C GLY A 171 18.14 1.77 -29.07
N LYS A 172 17.86 1.76 -27.77
CA LYS A 172 16.70 1.12 -27.21
C LYS A 172 15.75 2.17 -26.66
N CYS A 173 14.45 2.01 -26.90
CA CYS A 173 13.46 2.93 -26.34
C CYS A 173 12.61 2.20 -25.32
N TYR A 174 12.18 2.95 -24.31
CA TYR A 174 11.50 2.43 -23.13
C TYR A 174 10.13 3.08 -23.03
N ILE A 175 9.09 2.26 -23.07
CA ILE A 175 7.71 2.72 -23.08
C ILE A 175 6.98 2.05 -21.92
N ILE A 176 6.26 2.83 -21.12
CA ILE A 176 5.44 2.27 -20.06
C ILE A 176 4.02 2.11 -20.58
N VAL A 177 3.47 0.91 -20.42
CA VAL A 177 2.09 0.62 -20.78
C VAL A 177 1.40 0.08 -19.53
N ILE A 178 0.07 0.19 -19.52
CA ILE A 178 -0.75 -0.37 -18.45
C ILE A 178 -2.04 -0.91 -19.06
N ASP A 179 -2.63 -1.89 -18.39
CA ASP A 179 -3.84 -2.56 -18.87
C ASP A 179 -4.59 -3.07 -17.65
N GLY A 180 -5.90 -2.86 -17.60
CA GLY A 180 -6.65 -3.23 -16.42
C GLY A 180 -7.60 -2.13 -15.97
N PRO A 181 -8.36 -2.39 -14.91
CA PRO A 181 -9.42 -1.46 -14.51
C PRO A 181 -8.87 -0.10 -14.09
N ALA A 182 -9.63 0.94 -14.42
CA ALA A 182 -9.29 2.29 -13.98
C ALA A 182 -9.47 2.47 -12.48
N GLY A 183 -10.34 1.67 -11.87
CA GLY A 183 -10.64 1.78 -10.46
C GLY A 183 -10.02 0.71 -9.60
N GLY A 184 -9.06 -0.05 -10.10
CA GLY A 184 -8.47 -1.11 -9.33
C GLY A 184 -7.04 -1.40 -9.73
N THR A 185 -6.57 -2.59 -9.39
CA THR A 185 -5.20 -2.98 -9.70
C THR A 185 -5.03 -3.11 -11.21
N ALA A 186 -3.97 -2.48 -11.72
CA ALA A 186 -3.62 -2.56 -13.12
C ALA A 186 -2.11 -2.55 -13.17
N THR A 187 -1.52 -3.58 -13.78
CA THR A 187 -0.08 -3.80 -13.67
C THR A 187 0.63 -3.12 -14.83
N PRO A 188 1.52 -2.17 -14.58
CA PRO A 188 2.29 -1.59 -15.67
C PRO A 188 3.39 -2.53 -16.12
N LYS A 189 3.84 -2.31 -17.36
CA LYS A 189 4.90 -3.07 -17.99
C LYS A 189 5.80 -2.08 -18.70
N VAL A 190 7.10 -2.33 -18.67
CA VAL A 190 8.04 -1.54 -19.45
C VAL A 190 8.35 -2.32 -20.72
N LEU A 191 8.01 -1.73 -21.86
CA LEU A 191 8.35 -2.33 -23.14
C LEU A 191 9.67 -1.76 -23.61
N VAL A 192 10.54 -2.63 -24.09
CA VAL A 192 11.84 -2.25 -24.62
C VAL A 192 11.81 -2.47 -26.12
N THR A 193 12.05 -1.41 -26.90
CA THR A 193 11.93 -1.48 -28.35
C THR A 193 13.27 -1.18 -29.01
N ARG A 194 13.45 -1.75 -30.20
CA ARG A 194 14.65 -1.54 -31.01
C ARG A 194 14.15 -1.41 -32.44
N GLU A 195 14.28 -0.22 -33.04
CA GLU A 195 13.71 0.05 -34.36
C GLU A 195 12.22 -0.28 -34.40
N GLY A 196 11.49 0.11 -33.35
CA GLY A 196 10.06 -0.13 -33.26
C GLY A 196 9.64 -1.54 -32.87
N GLU A 197 10.53 -2.52 -32.91
CA GLU A 197 10.19 -3.88 -32.52
C GLU A 197 10.26 -4.04 -30.99
N VAL A 198 9.23 -4.64 -30.40
CA VAL A 198 9.26 -4.91 -28.96
C VAL A 198 10.15 -6.13 -28.74
N THR A 199 11.35 -5.89 -28.22
CA THR A 199 12.30 -6.98 -28.02
C THR A 199 12.25 -7.56 -26.62
N SER A 200 11.66 -6.84 -25.67
CA SER A 200 11.68 -7.29 -24.28
C SER A 200 10.53 -6.62 -23.52
N GLU A 201 9.94 -7.35 -22.57
CA GLU A 201 9.06 -6.76 -21.57
C GLU A 201 9.80 -6.81 -20.24
N ILE A 202 9.81 -5.71 -19.51
CA ILE A 202 10.40 -5.66 -18.19
C ILE A 202 9.27 -5.64 -17.16
N ILE A 203 9.33 -6.56 -16.21
CA ILE A 203 8.36 -6.63 -15.14
C ILE A 203 8.70 -5.58 -14.10
N VAL A 204 7.70 -4.77 -13.74
CA VAL A 204 7.86 -3.77 -12.70
C VAL A 204 7.66 -4.45 -11.35
N THR A 205 8.71 -4.48 -10.54
CA THR A 205 8.61 -5.07 -9.21
C THR A 205 8.28 -3.99 -8.19
N GLY A 206 8.22 -4.37 -6.92
CA GLY A 206 7.97 -3.39 -5.86
C GLY A 206 6.52 -2.96 -5.79
N ARG A 207 6.29 -1.65 -5.70
CA ARG A 207 4.94 -1.09 -5.63
C ARG A 207 4.44 -0.96 -7.05
N ASN A 208 3.61 -1.91 -7.48
CA ASN A 208 3.34 -2.09 -8.90
C ASN A 208 1.85 -2.32 -9.21
N LYS A 209 0.94 -1.86 -8.35
CA LYS A 209 -0.48 -2.11 -8.56
C LYS A 209 -1.16 -1.00 -9.36
N MET A 210 -0.44 0.03 -9.77
CA MET A 210 -1.01 1.08 -10.59
C MET A 210 0.15 1.88 -11.19
N GLY A 211 -0.18 2.80 -12.08
CA GLY A 211 0.85 3.62 -12.69
C GLY A 211 0.51 3.97 -14.12
N GLU A 212 -0.47 4.84 -14.28
CA GLU A 212 -0.92 5.30 -15.58
C GLU A 212 -0.14 6.54 -16.01
N GLU A 213 -0.09 6.73 -17.33
CA GLU A 213 0.27 8.02 -17.93
C GLU A 213 1.59 8.56 -17.37
N CYS A 214 2.62 7.71 -17.40
CA CYS A 214 3.89 8.09 -16.79
C CYS A 214 4.61 9.15 -17.61
N SER A 215 5.15 10.16 -16.91
CA SER A 215 6.08 11.12 -17.49
C SER A 215 7.49 10.69 -17.10
N CYS A 216 8.34 10.42 -18.10
CA CYS A 216 9.62 9.76 -17.86
C CYS A 216 10.79 10.61 -18.34
N LEU A 217 11.86 10.60 -17.56
CA LEU A 217 13.10 11.30 -17.88
C LEU A 217 14.27 10.46 -17.40
N ALA A 218 15.37 10.50 -18.15
CA ALA A 218 16.60 9.87 -17.67
C ALA A 218 17.13 10.62 -16.45
N THR A 219 17.54 9.88 -15.42
CA THR A 219 18.13 10.50 -14.23
C THR A 219 19.65 10.51 -14.26
N ASN A 220 20.27 9.71 -15.12
CA ASN A 220 21.70 9.78 -15.39
C ASN A 220 21.96 9.03 -16.68
N ARG A 221 23.18 8.57 -16.88
CA ARG A 221 23.55 7.99 -18.17
C ARG A 221 22.78 6.71 -18.48
N THR A 222 22.31 5.99 -17.45
CA THR A 222 21.76 4.65 -17.66
C THR A 222 20.43 4.37 -16.98
N TRP A 223 19.88 5.30 -16.18
CA TRP A 223 18.64 5.05 -15.46
C TRP A 223 17.56 6.02 -15.91
N ILE A 224 16.31 5.58 -15.82
CA ILE A 224 15.13 6.37 -16.17
C ILE A 224 14.21 6.42 -14.96
N GLU A 225 13.60 7.57 -14.72
CA GLU A 225 12.60 7.70 -13.65
C GLU A 225 11.29 8.20 -14.23
N CYS A 226 10.19 7.53 -13.88
CA CYS A 226 8.87 7.88 -14.38
C CYS A 226 7.96 8.29 -13.23
N LEU A 227 7.22 9.37 -13.45
CA LEU A 227 6.25 9.88 -12.48
C LEU A 227 4.85 9.61 -13.02
N CYS A 228 4.06 8.85 -12.28
CA CYS A 228 2.84 8.30 -12.87
C CYS A 228 1.58 8.76 -12.11
N ARG A 229 0.46 8.16 -12.49
CA ARG A 229 -0.84 8.45 -11.91
C ARG A 229 -1.42 7.15 -11.36
N ASP A 230 -1.74 7.14 -10.07
CA ASP A 230 -2.48 6.04 -9.46
C ASP A 230 -3.94 6.48 -9.42
N ASN A 231 -4.75 5.94 -10.32
CA ASN A 231 -6.13 6.37 -10.43
C ASN A 231 -7.05 5.74 -9.40
N ALA A 232 -6.54 4.86 -8.57
CA ALA A 232 -7.46 4.08 -7.74
C ALA A 232 -7.12 4.11 -6.26
N PHE A 233 -5.85 4.15 -5.89
CA PHE A 233 -5.48 3.85 -4.52
C PHE A 233 -4.93 5.01 -3.72
N SER A 234 -4.33 6.02 -4.36
CA SER A 234 -3.57 6.98 -3.56
C SER A 234 -3.44 8.31 -4.30
N ALA A 235 -3.39 9.39 -3.51
CA ALA A 235 -3.05 10.73 -3.98
C ALA A 235 -1.55 10.95 -4.10
N LYS A 236 -0.73 10.03 -3.60
CA LYS A 236 0.69 10.05 -3.87
C LYS A 236 0.94 9.53 -5.28
N ARG A 237 1.93 10.11 -5.95
CA ARG A 237 2.11 9.57 -7.29
C ARG A 237 3.08 8.38 -7.27
N PRO A 238 2.79 7.33 -8.02
CA PRO A 238 3.78 6.26 -8.18
C PRO A 238 4.99 6.75 -8.97
N ILE A 239 6.15 6.19 -8.62
CA ILE A 239 7.40 6.46 -9.33
C ILE A 239 7.97 5.12 -9.77
N ILE A 240 8.37 5.02 -11.02
CA ILE A 240 8.99 3.81 -11.56
C ILE A 240 10.41 4.16 -12.00
N ARG A 241 11.38 3.37 -11.54
CA ARG A 241 12.76 3.54 -11.97
C ARG A 241 13.18 2.34 -12.82
N ILE A 242 13.85 2.64 -13.92
CA ILE A 242 14.31 1.63 -14.87
C ILE A 242 15.83 1.67 -14.89
N ASP A 243 16.45 0.52 -14.70
CA ASP A 243 17.89 0.35 -14.88
C ASP A 243 18.08 -0.27 -16.26
N THR A 244 18.54 0.53 -17.23
CA THR A 244 18.65 0.03 -18.60
C THR A 244 19.80 -0.95 -18.78
N VAL A 245 20.81 -0.92 -17.90
CA VAL A 245 21.92 -1.85 -17.99
C VAL A 245 21.51 -3.22 -17.46
N ALA A 246 20.95 -3.25 -16.25
CA ALA A 246 20.43 -4.50 -15.70
C ALA A 246 19.15 -4.96 -16.39
N GLY A 247 18.40 -4.05 -17.01
CA GLY A 247 17.13 -4.40 -17.60
C GLY A 247 16.08 -4.73 -16.56
N THR A 248 15.96 -3.90 -15.53
CA THR A 248 15.01 -4.11 -14.45
C THR A 248 14.23 -2.83 -14.20
N ALA A 249 13.08 -2.96 -13.55
CA ALA A 249 12.25 -1.82 -13.20
C ALA A 249 11.62 -2.07 -11.84
N ARG A 250 11.55 -1.02 -11.01
CA ARG A 250 10.95 -1.11 -9.69
C ARG A 250 10.02 0.07 -9.46
N GLY A 251 8.87 -0.21 -8.88
CA GLY A 251 7.88 0.80 -8.57
C GLY A 251 7.99 1.25 -7.11
N TYR A 252 7.73 2.54 -6.91
CA TYR A 252 7.73 3.18 -5.61
C TYR A 252 6.52 4.09 -5.50
N LEU A 253 6.25 4.56 -4.29
CA LEU A 253 5.30 5.64 -4.10
C LEU A 253 6.07 6.88 -3.65
N MET A 254 5.85 8.00 -4.34
CA MET A 254 6.45 9.27 -3.90
C MET A 254 6.04 9.56 -2.47
N CYS A 255 7.03 9.81 -1.62
CA CYS A 255 6.85 9.90 -0.19
C CYS A 255 6.55 11.30 0.32
N SER A 256 6.80 12.35 -0.47
CA SER A 256 6.71 13.71 0.04
C SER A 256 5.32 14.04 0.60
N ASP A 257 5.31 14.77 1.72
CA ASP A 257 4.05 15.33 2.23
C ASP A 257 3.30 16.16 1.20
N THR A 258 3.99 16.70 0.19
CA THR A 258 3.38 17.53 -0.85
C THR A 258 2.84 16.62 -1.95
N TYR A 259 1.63 16.10 -1.74
CA TYR A 259 1.05 15.13 -2.67
C TYR A 259 0.73 15.77 -4.00
N LEU A 260 1.08 15.10 -5.08
CA LEU A 260 1.06 15.76 -6.38
C LEU A 260 -0.18 15.46 -7.20
N ASP A 261 -1.00 14.49 -6.83
CA ASP A 261 -2.15 14.15 -7.64
C ASP A 261 -3.35 15.07 -7.31
N THR A 262 -4.40 14.97 -8.12
CA THR A 262 -5.65 15.70 -7.94
C THR A 262 -6.75 14.71 -8.27
N PRO A 263 -7.73 14.50 -7.36
CA PRO A 263 -7.91 15.12 -6.05
C PRO A 263 -6.92 14.57 -5.02
N ARG A 264 -6.79 15.24 -3.88
CA ARG A 264 -5.81 14.87 -2.86
C ARG A 264 -6.25 15.41 -1.52
N PRO A 265 -5.85 14.78 -0.42
CA PRO A 265 -6.13 15.34 0.91
C PRO A 265 -5.11 16.43 1.24
N ALA A 266 -5.25 17.00 2.43
CA ALA A 266 -4.32 18.05 2.86
C ALA A 266 -2.91 17.49 2.97
N ASP A 267 -1.92 18.34 2.67
CA ASP A 267 -0.53 17.92 2.68
C ASP A 267 -0.16 17.27 4.01
N GLY A 268 0.54 16.15 3.93
CA GLY A 268 1.03 15.46 5.10
C GLY A 268 0.00 14.71 5.90
N SER A 269 -1.27 14.73 5.49
CA SER A 269 -2.32 14.12 6.31
C SER A 269 -2.47 12.62 6.07
N ILE A 270 -1.75 12.03 5.11
CA ILE A 270 -1.77 10.57 4.94
C ILE A 270 -0.91 9.94 6.02
N THR A 271 -1.51 9.08 6.82
CA THR A 271 -0.85 8.49 7.98
C THR A 271 -0.27 7.14 7.61
N GLY A 272 1.01 6.93 7.93
CA GLY A 272 1.65 5.66 7.75
C GLY A 272 3.00 5.82 7.08
N SER A 273 3.50 4.73 6.53
CA SER A 273 4.81 4.70 5.91
C SER A 273 4.79 5.43 4.57
N CYS A 274 5.97 5.53 3.96
CA CYS A 274 6.09 6.14 2.63
C CYS A 274 5.17 5.46 1.63
N GLU A 275 5.05 4.13 1.69
CA GLU A 275 4.29 3.38 0.70
C GLU A 275 2.85 3.16 1.11
N THR A 276 2.35 3.83 2.14
CA THR A 276 0.95 3.72 2.55
C THR A 276 0.05 4.52 1.61
N ASP A 277 -1.01 3.87 1.11
CA ASP A 277 -1.88 4.49 0.12
C ASP A 277 -2.59 5.73 0.66
N GLY A 278 -3.17 5.63 1.85
CA GLY A 278 -4.13 6.61 2.32
C GLY A 278 -5.55 6.15 2.06
N THR A 279 -6.49 6.79 2.75
CA THR A 279 -7.87 6.32 2.74
C THR A 279 -8.66 6.81 1.52
N SER A 280 -8.24 7.90 0.90
CA SER A 280 -8.90 8.39 -0.31
C SER A 280 -8.25 7.77 -1.54
N GLY A 281 -7.84 8.60 -2.51
CA GLY A 281 -6.99 8.13 -3.58
C GLY A 281 -7.66 7.86 -4.91
N GLY A 282 -9.00 7.80 -4.94
CA GLY A 282 -9.69 7.57 -6.20
C GLY A 282 -9.58 8.77 -7.14
N GLY A 283 -9.44 8.49 -8.43
CA GLY A 283 -9.28 9.53 -9.42
C GLY A 283 -7.85 10.04 -9.48
N GLY A 284 -7.59 10.89 -10.47
CA GLY A 284 -6.24 11.40 -10.63
C GLY A 284 -6.11 12.15 -11.94
N VAL A 285 -4.87 12.52 -12.24
CA VAL A 285 -4.56 13.28 -13.45
C VAL A 285 -3.10 13.00 -13.77
N LYS A 286 -2.77 13.02 -15.06
CA LYS A 286 -1.37 12.88 -15.45
C LYS A 286 -0.55 14.04 -14.89
N GLY A 287 0.60 13.72 -14.30
CA GLY A 287 1.49 14.71 -13.74
C GLY A 287 2.86 14.67 -14.41
N ALA A 288 3.73 15.58 -13.97
CA ALA A 288 5.00 15.77 -14.65
C ALA A 288 6.05 16.31 -13.69
N PHE A 289 7.31 16.18 -14.11
CA PHE A 289 8.45 16.72 -13.38
C PHE A 289 9.57 17.06 -14.37
N ALA A 290 10.56 17.79 -13.86
CA ALA A 290 11.79 18.08 -14.59
C ALA A 290 12.95 17.90 -13.62
N LEU A 291 14.18 18.03 -14.11
CA LEU A 291 15.30 17.73 -13.23
C LEU A 291 16.59 18.39 -13.73
N SER A 292 17.57 18.41 -12.84
CA SER A 292 18.96 18.68 -13.17
C SER A 292 19.74 17.42 -12.86
N ARG A 293 20.68 17.07 -13.74
CA ARG A 293 21.44 15.84 -13.55
C ARG A 293 22.85 16.02 -14.13
N THR A 294 23.78 15.26 -13.59
CA THR A 294 25.07 15.04 -14.22
C THR A 294 24.99 13.70 -14.94
N THR A 295 26.13 13.20 -15.43
CA THR A 295 26.10 11.87 -16.04
C THR A 295 25.94 10.76 -15.03
N GLU A 296 26.12 11.04 -13.73
CA GLU A 296 26.00 10.00 -12.70
C GLU A 296 24.77 10.10 -11.83
N ALA A 297 24.17 11.28 -11.64
CA ALA A 297 23.11 11.37 -10.66
C ALA A 297 22.25 12.60 -10.90
N THR A 298 20.98 12.48 -10.55
CA THR A 298 20.10 13.65 -10.53
C THR A 298 20.37 14.47 -9.27
N THR A 299 20.50 15.78 -9.43
CA THR A 299 20.86 16.69 -8.34
C THR A 299 19.72 17.59 -7.88
N GLU A 300 18.63 17.66 -8.64
CA GLU A 300 17.50 18.50 -8.26
C GLU A 300 16.30 18.03 -9.09
N ARG A 301 15.11 18.09 -8.48
CA ARG A 301 13.88 17.75 -9.17
C ARG A 301 12.90 18.89 -9.03
N PHE A 302 12.07 19.06 -10.07
CA PHE A 302 11.08 20.12 -10.16
C PHE A 302 9.74 19.46 -10.41
N TYR A 303 8.72 19.86 -9.66
CA TYR A 303 7.43 19.19 -9.75
C TYR A 303 6.33 20.21 -10.00
N VAL A 304 5.23 19.72 -10.56
CA VAL A 304 4.04 20.54 -10.73
C VAL A 304 2.88 19.83 -10.06
N ARG A 305 1.93 20.61 -9.56
CA ARG A 305 0.62 20.08 -9.20
C ARG A 305 -0.40 21.20 -9.35
N THR A 306 -1.67 20.84 -9.26
CA THR A 306 -2.71 21.84 -9.41
C THR A 306 -2.76 22.76 -8.19
N VAL A 307 -3.36 23.94 -8.37
CA VAL A 307 -3.64 24.81 -7.22
C VAL A 307 -4.71 24.18 -6.34
N SER A 308 -5.81 23.73 -6.95
CA SER A 308 -6.90 23.13 -6.22
C SER A 308 -6.57 21.70 -5.81
N SER A 309 -6.97 21.33 -4.59
CA SER A 309 -6.83 19.95 -4.17
C SER A 309 -8.00 19.08 -4.60
N SER A 310 -8.99 19.65 -5.28
CA SER A 310 -10.15 18.84 -5.65
C SER A 310 -10.47 18.93 -7.15
N ALA A 311 -10.12 20.02 -7.81
CA ALA A 311 -10.41 20.21 -9.23
C ALA A 311 -9.11 20.35 -10.01
N ARG A 312 -9.20 20.11 -11.32
CA ARG A 312 -8.07 20.30 -12.22
C ARG A 312 -7.99 21.78 -12.60
N SER A 313 -7.45 22.58 -11.68
CA SER A 313 -7.35 24.02 -11.92
C SER A 313 -6.07 24.56 -11.30
N GLY A 314 -5.39 25.42 -12.05
CA GLY A 314 -4.14 26.00 -11.60
C GLY A 314 -2.96 25.04 -11.72
N ALA A 315 -1.77 25.62 -11.58
CA ALA A 315 -0.52 24.87 -11.63
C ALA A 315 0.50 25.60 -10.77
N VAL A 316 1.13 24.84 -9.87
CA VAL A 316 2.11 25.36 -8.93
C VAL A 316 3.37 24.52 -9.10
N PHE A 317 4.52 25.18 -9.19
CA PHE A 317 5.81 24.50 -9.31
C PHE A 317 6.46 24.36 -7.93
N TYR A 318 7.12 23.23 -7.73
CA TYR A 318 7.88 22.93 -6.53
C TYR A 318 9.23 22.34 -6.94
N LYS A 319 10.16 22.26 -5.99
CA LYS A 319 11.46 21.63 -6.24
C LYS A 319 11.96 20.93 -4.98
N THR A 320 12.91 20.01 -5.19
CA THR A 320 13.55 19.35 -4.07
C THR A 320 14.89 18.75 -4.50
N THR A 321 15.82 18.70 -3.55
CA THR A 321 17.08 17.99 -3.74
C THR A 321 17.11 16.64 -3.01
N ASP A 322 15.99 16.20 -2.43
CA ASP A 322 15.90 14.90 -1.78
C ASP A 322 15.50 13.81 -2.77
N ASP A 323 15.70 12.55 -2.37
CA ASP A 323 15.20 11.42 -3.15
C ASP A 323 13.69 11.27 -2.94
N PRO A 324 12.87 11.43 -3.98
CA PRO A 324 11.42 11.42 -3.78
C PRO A 324 10.84 10.07 -3.35
N THR A 325 11.61 8.98 -3.43
CA THR A 325 11.13 7.69 -2.96
C THR A 325 11.50 7.42 -1.50
N GLU A 326 12.28 8.31 -0.88
CA GLU A 326 12.82 8.07 0.46
C GLU A 326 12.42 9.14 1.47
N SER A 327 12.15 10.35 1.04
CA SER A 327 11.95 11.48 1.95
C SER A 327 10.49 11.90 1.98
N ASN A 328 9.94 12.06 3.19
CA ASN A 328 8.61 12.62 3.33
C ASN A 328 8.62 14.14 3.51
N ASN A 329 9.79 14.76 3.36
CA ASN A 329 9.90 16.20 3.51
C ASN A 329 8.98 16.92 2.52
N PRO A 330 8.34 17.99 2.94
CA PRO A 330 7.59 18.82 1.98
C PRO A 330 8.53 19.36 0.89
N LEU A 331 7.96 19.55 -0.29
CA LEU A 331 8.71 20.17 -1.38
C LEU A 331 8.80 21.68 -1.17
N THR A 332 9.76 22.31 -1.86
CA THR A 332 9.98 23.75 -1.76
C THR A 332 9.20 24.47 -2.85
N LEU A 333 8.39 25.45 -2.43
CA LEU A 333 7.56 26.19 -3.36
C LEU A 333 8.43 27.02 -4.32
N ILE A 334 8.15 26.90 -5.61
CA ILE A 334 8.72 27.81 -6.61
C ILE A 334 7.78 28.96 -6.91
N GLY A 335 6.51 28.65 -7.18
CA GLY A 335 5.51 29.68 -7.40
C GLY A 335 4.42 29.17 -8.31
N THR A 336 3.43 30.05 -8.53
CA THR A 336 2.25 29.71 -9.30
C THR A 336 2.49 29.99 -10.78
N ALA A 337 2.44 28.94 -11.60
CA ALA A 337 2.59 29.07 -13.05
C ALA A 337 1.27 29.29 -13.76
N VAL A 338 0.17 28.76 -13.23
CA VAL A 338 -1.16 29.03 -13.76
C VAL A 338 -2.09 29.32 -12.60
N GLY A 339 -2.78 30.47 -12.65
CA GLY A 339 -3.63 30.85 -11.53
C GLY A 339 -4.74 29.85 -11.29
N GLY A 340 -5.21 29.83 -10.04
CA GLY A 340 -6.15 28.82 -9.59
C GLY A 340 -7.52 28.88 -10.24
N ALA A 341 -7.87 30.01 -10.85
CA ALA A 341 -9.15 30.13 -11.54
C ALA A 341 -9.11 29.57 -12.96
N ILE A 342 -7.98 29.07 -13.42
CA ILE A 342 -7.79 28.67 -14.82
C ILE A 342 -7.70 27.15 -14.88
N PRO A 343 -8.53 26.49 -15.69
CA PRO A 343 -8.41 25.03 -15.83
C PRO A 343 -7.02 24.62 -16.28
N MET A 344 -6.53 23.55 -15.68
CA MET A 344 -5.21 23.01 -16.02
C MET A 344 -5.31 21.52 -15.82
N TRP A 345 -5.13 20.76 -16.90
CA TRP A 345 -5.41 19.33 -16.86
C TRP A 345 -4.10 18.55 -16.81
N TYR A 346 -3.75 17.85 -17.90
CA TYR A 346 -2.52 17.09 -17.92
C TYR A 346 -1.29 18.00 -17.93
N SER A 347 -0.18 17.47 -17.45
CA SER A 347 1.14 18.05 -17.66
C SER A 347 2.06 16.93 -18.11
N PHE A 348 3.16 17.29 -18.77
CA PHE A 348 4.02 16.26 -19.36
C PHE A 348 5.48 16.66 -19.24
N SER A 349 6.34 15.68 -19.04
CA SER A 349 7.79 15.87 -19.05
C SER A 349 8.34 15.71 -20.46
N PHE A 350 9.35 16.51 -20.80
CA PHE A 350 10.11 16.20 -22.01
C PHE A 350 11.51 16.79 -21.89
N GLU A 351 12.37 16.34 -22.80
CA GLU A 351 13.78 16.68 -22.78
C GLU A 351 14.18 17.18 -24.16
N ILE A 352 14.92 18.29 -24.19
CA ILE A 352 15.44 18.83 -25.43
C ILE A 352 16.92 18.43 -25.49
N PRO A 353 17.31 17.57 -26.43
CA PRO A 353 18.72 17.20 -26.53
C PRO A 353 19.53 18.32 -27.16
N GLY A 354 20.79 18.41 -26.74
CA GLY A 354 21.70 19.39 -27.29
C GLY A 354 23.04 18.74 -27.57
N LYS A 355 23.89 19.49 -28.29
CA LYS A 355 25.22 18.96 -28.57
C LYS A 355 26.14 19.03 -27.36
N VAL A 356 25.95 19.99 -26.46
CA VAL A 356 26.80 20.12 -25.29
C VAL A 356 26.07 19.73 -24.00
N CYS A 357 24.77 20.02 -23.89
CA CYS A 357 24.00 19.64 -22.71
C CYS A 357 22.55 19.42 -23.09
N ASP A 358 21.83 18.69 -22.23
CA ASP A 358 20.41 18.43 -22.40
C ASP A 358 19.61 19.37 -21.50
N GLN A 359 18.32 19.51 -21.79
CA GLN A 359 17.46 20.34 -20.95
C GLN A 359 16.09 19.68 -20.78
N THR A 360 15.59 19.64 -19.54
CA THR A 360 14.27 19.06 -19.29
C THR A 360 13.25 20.16 -19.05
N CYS A 361 12.01 19.87 -19.41
CA CYS A 361 10.96 20.86 -19.42
C CYS A 361 9.65 20.22 -18.97
N ILE A 362 8.69 21.07 -18.62
CA ILE A 362 7.34 20.64 -18.28
C ILE A 362 6.36 21.41 -19.16
N GLY A 363 5.48 20.70 -19.85
CA GLY A 363 4.39 21.32 -20.58
C GLY A 363 3.09 21.18 -19.82
N LEU A 364 2.21 22.17 -19.97
CA LEU A 364 0.95 22.25 -19.24
C LEU A 364 -0.21 22.28 -20.24
N GLU A 365 -1.14 21.34 -20.09
CA GLU A 365 -2.38 21.26 -20.88
C GLU A 365 -3.42 22.17 -20.25
N MET A 366 -3.50 23.42 -20.72
CA MET A 366 -4.47 24.37 -20.19
C MET A 366 -5.81 24.13 -20.87
N GLY A 367 -6.75 23.53 -20.14
CA GLY A 367 -7.94 23.00 -20.77
C GLY A 367 -8.96 24.07 -21.13
N LEU A 368 -9.67 23.80 -22.23
CA LEU A 368 -10.73 24.66 -22.74
C LEU A 368 -11.90 23.76 -23.07
N THR A 369 -13.07 24.04 -22.49
CA THR A 369 -14.22 23.21 -22.80
C THR A 369 -15.50 23.99 -22.57
N MET A 370 -16.51 23.65 -23.35
CA MET A 370 -17.84 24.22 -23.18
C MET A 370 -18.65 23.48 -22.13
N GLY A 371 -18.18 22.32 -21.68
CA GLY A 371 -18.80 21.61 -20.58
C GLY A 371 -18.84 20.11 -20.81
N HIS A 372 -19.65 19.45 -19.99
CA HIS A 372 -19.74 17.99 -20.00
C HIS A 372 -20.26 17.47 -21.33
N GLN A 373 -19.49 16.58 -21.96
CA GLN A 373 -19.84 16.02 -23.27
C GLN A 373 -20.08 17.09 -24.34
N LEU A 374 -19.33 18.19 -24.24
CA LEU A 374 -19.32 19.26 -25.23
C LEU A 374 -17.88 19.47 -25.71
N TRP A 375 -17.71 20.42 -26.64
CA TRP A 375 -16.41 20.73 -27.24
C TRP A 375 -15.33 20.85 -26.18
N THR A 376 -14.16 20.26 -26.47
CA THR A 376 -13.05 20.14 -25.53
C THR A 376 -11.73 20.25 -26.27
N SER A 377 -10.84 21.13 -25.81
CA SER A 377 -9.48 21.16 -26.35
C SER A 377 -8.58 21.86 -25.31
N ASN A 378 -7.54 22.54 -25.78
CA ASN A 378 -6.57 23.08 -24.84
C ASN A 378 -5.70 24.14 -25.49
N SER A 379 -4.88 24.76 -24.64
CA SER A 379 -3.69 25.54 -24.99
C SER A 379 -2.51 24.90 -24.25
N VAL A 380 -1.32 24.93 -24.85
CA VAL A 380 -0.15 24.28 -24.25
C VAL A 380 0.87 25.35 -23.87
N ALA A 381 1.22 25.44 -22.58
CA ALA A 381 2.30 26.32 -22.14
C ALA A 381 3.48 25.47 -21.73
N VAL A 382 4.70 25.94 -22.03
CA VAL A 382 5.93 25.19 -21.81
C VAL A 382 6.87 25.98 -20.89
N TYR A 383 7.36 25.31 -19.83
CA TYR A 383 8.36 25.86 -18.92
C TYR A 383 9.58 24.92 -18.88
N CYS A 384 10.78 25.49 -18.85
CA CYS A 384 12.01 24.69 -18.86
C CYS A 384 12.93 25.08 -17.70
N VAL A 385 13.83 24.17 -17.36
CA VAL A 385 14.75 24.32 -16.23
C VAL A 385 15.86 25.29 -16.64
N ILE A 386 15.81 26.50 -16.08
CA ILE A 386 16.77 27.56 -16.42
C ILE A 386 16.56 28.69 -15.42
N GLY A 387 17.60 29.51 -15.20
CA GLY A 387 17.45 30.69 -14.37
C GLY A 387 17.33 30.40 -12.88
N ASP A 388 16.84 31.41 -12.15
CA ASP A 388 16.81 31.35 -10.69
C ASP A 388 15.46 31.64 -10.05
N ASN A 389 14.49 32.16 -10.80
CA ASN A 389 13.15 32.42 -10.28
C ASN A 389 12.15 32.26 -11.42
N LEU A 390 10.94 31.85 -11.07
CA LEU A 390 9.85 31.78 -12.04
C LEU A 390 9.58 33.17 -12.62
N ASP A 391 9.48 33.25 -13.95
CA ASP A 391 9.37 34.56 -14.62
C ASP A 391 7.93 35.07 -14.67
N TRP A 392 6.96 34.25 -15.09
CA TRP A 392 5.59 34.73 -15.24
C TRP A 392 4.66 33.54 -15.26
N ASP A 393 3.41 33.79 -14.87
CA ASP A 393 2.37 32.78 -14.99
C ASP A 393 1.75 32.88 -16.39
N SER A 394 0.97 31.85 -16.75
CA SER A 394 0.37 31.74 -18.06
C SER A 394 -1.15 31.80 -17.97
N THR A 395 -1.77 32.38 -19.01
CA THR A 395 -3.22 32.45 -19.17
C THR A 395 -3.57 32.02 -20.58
N THR A 396 -4.86 31.79 -20.84
CA THR A 396 -5.28 31.51 -22.21
C THR A 396 -5.98 32.66 -22.88
N ASP A 397 -6.79 33.43 -22.14
CA ASP A 397 -7.64 34.49 -22.71
C ASP A 397 -8.51 33.94 -23.84
N VAL A 398 -8.90 32.67 -23.74
CA VAL A 398 -9.87 32.07 -24.64
C VAL A 398 -11.11 31.77 -23.80
N VAL A 399 -12.25 32.30 -24.22
CA VAL A 399 -13.53 32.00 -23.61
C VAL A 399 -14.24 30.99 -24.53
N PRO A 400 -14.44 29.74 -24.10
CA PRO A 400 -15.06 28.74 -25.00
C PRO A 400 -16.40 29.18 -25.59
N ALA A 401 -17.19 29.96 -24.86
CA ALA A 401 -18.43 30.51 -25.43
C ALA A 401 -18.19 31.26 -26.74
N ASP A 402 -17.02 31.88 -26.92
CA ASP A 402 -16.70 32.65 -28.12
C ASP A 402 -16.30 31.80 -29.33
N ILE A 403 -16.09 30.51 -29.15
CA ILE A 403 -15.62 29.65 -30.23
C ILE A 403 -16.80 29.36 -31.16
N VAL A 404 -16.60 29.59 -32.45
CA VAL A 404 -17.69 29.45 -33.41
C VAL A 404 -18.13 28.00 -33.57
N GLU B 16 -28.99 -17.36 17.34
CA GLU B 16 -28.83 -15.91 17.28
C GLU B 16 -27.39 -15.50 17.07
N TRP B 17 -27.19 -14.20 16.87
CA TRP B 17 -25.84 -13.68 16.73
C TRP B 17 -25.12 -13.68 18.07
N ARG B 18 -23.81 -13.89 18.01
CA ARG B 18 -22.96 -13.74 19.18
CA ARG B 18 -22.95 -13.74 19.17
C ARG B 18 -22.89 -12.27 19.58
N PHE B 19 -22.95 -12.02 20.89
CA PHE B 19 -22.78 -10.68 21.45
C PHE B 19 -22.17 -10.84 22.84
N PRO B 20 -21.51 -9.80 23.37
CA PRO B 20 -20.81 -9.96 24.65
C PRO B 20 -21.79 -9.93 25.82
N LYS B 21 -21.65 -10.90 26.74
CA LYS B 21 -22.37 -10.90 28.00
C LYS B 21 -21.45 -10.50 29.15
N SER B 22 -22.07 -10.28 30.30
CA SER B 22 -21.31 -10.12 31.53
C SER B 22 -20.48 -11.37 31.77
N THR B 23 -19.26 -11.19 32.27
CA THR B 23 -18.37 -12.33 32.45
C THR B 23 -18.65 -13.05 33.77
N CYS B 24 -18.32 -14.34 33.79
CA CYS B 24 -18.48 -15.13 34.99
C CYS B 24 -17.57 -14.57 36.07
N PRO B 25 -18.06 -14.37 37.29
CA PRO B 25 -17.24 -13.69 38.31
C PRO B 25 -15.95 -14.44 38.58
N GLY B 26 -14.87 -13.67 38.71
CA GLY B 26 -13.55 -14.23 38.89
C GLY B 26 -12.57 -13.12 39.19
N ARG B 27 -11.58 -13.41 40.03
CA ARG B 27 -10.69 -12.37 40.54
C ARG B 27 -9.23 -12.71 40.32
N SER B 28 -8.93 -13.71 39.49
CA SER B 28 -7.57 -14.17 39.28
C SER B 28 -7.54 -14.97 37.99
N LEU B 29 -6.39 -15.57 37.69
CA LEU B 29 -6.21 -16.48 36.57
C LEU B 29 -5.83 -17.85 37.14
N GLN B 30 -6.49 -18.90 36.66
CA GLN B 30 -6.20 -20.25 37.09
C GLN B 30 -6.08 -21.16 35.87
N LYS B 31 -5.29 -22.22 36.01
CA LYS B 31 -4.96 -23.04 34.86
C LYS B 31 -6.16 -23.85 34.42
N MET B 32 -6.40 -23.87 33.10
CA MET B 32 -7.39 -24.79 32.54
C MET B 32 -6.71 -26.08 32.12
N LEU B 33 -5.93 -26.03 31.03
CA LEU B 33 -5.28 -27.22 30.50
C LEU B 33 -4.01 -26.82 29.76
N GLN B 34 -3.30 -27.81 29.24
CA GLN B 34 -2.11 -27.58 28.45
C GLN B 34 -2.05 -28.64 27.36
N LEU B 35 -1.67 -28.23 26.16
CA LEU B 35 -1.44 -29.15 25.06
C LEU B 35 0.05 -29.17 24.77
N ASN B 36 0.59 -30.37 24.58
CA ASN B 36 2.05 -30.52 24.56
C ASN B 36 2.39 -31.64 23.56
N PRO B 37 2.10 -31.44 22.28
CA PRO B 37 2.20 -32.56 21.32
C PRO B 37 3.59 -33.16 21.19
N HIS B 38 4.65 -32.39 21.39
CA HIS B 38 5.97 -32.95 21.10
C HIS B 38 6.55 -33.74 22.26
N ARG B 39 5.84 -33.84 23.40
CA ARG B 39 6.11 -34.92 24.33
C ARG B 39 6.03 -36.28 23.65
N HIS B 40 5.31 -36.36 22.54
CA HIS B 40 5.07 -37.59 21.81
C HIS B 40 5.99 -37.76 20.61
N ALA B 41 7.02 -36.92 20.47
CA ALA B 41 7.92 -36.97 19.32
C ALA B 41 9.33 -37.45 19.69
N THR B 42 9.43 -38.31 20.70
CA THR B 42 10.71 -38.81 21.18
C THR B 42 11.01 -40.18 20.60
N ALA B 43 12.19 -40.72 20.95
CA ALA B 43 12.61 -42.01 20.40
C ALA B 43 11.63 -43.11 20.80
N GLY B 44 11.29 -43.95 19.82
CA GLY B 44 10.34 -45.01 20.05
C GLY B 44 8.89 -44.62 19.90
N SER B 45 8.56 -43.32 19.92
CA SER B 45 7.16 -42.92 19.89
C SER B 45 6.55 -43.19 18.51
N GLN B 46 5.21 -43.20 18.48
CA GLN B 46 4.48 -43.61 17.28
C GLN B 46 3.52 -42.54 16.78
N ALA B 47 3.78 -41.27 17.08
CA ALA B 47 2.88 -40.16 16.78
C ALA B 47 3.44 -39.24 15.69
N ALA B 48 2.55 -38.78 14.81
CA ALA B 48 2.87 -37.73 13.84
C ALA B 48 2.39 -36.41 14.44
N THR B 49 3.29 -35.69 15.09
CA THR B 49 2.91 -34.45 15.76
C THR B 49 3.08 -33.27 14.82
N ILE B 50 2.32 -32.21 15.06
CA ILE B 50 2.29 -31.08 14.12
C ILE B 50 3.06 -29.89 14.69
N PRO B 51 4.27 -29.62 14.22
CA PRO B 51 4.99 -28.43 14.68
C PRO B 51 4.33 -27.18 14.12
N ASN B 52 4.31 -26.11 14.91
CA ASN B 52 3.49 -24.97 14.56
C ASN B 52 3.95 -23.76 15.35
N ARG B 53 3.47 -22.59 14.95
CA ARG B 53 3.71 -21.36 15.70
C ARG B 53 2.51 -20.44 15.52
N GLU B 54 2.49 -19.38 16.34
CA GLU B 54 1.37 -18.45 16.40
C GLU B 54 0.05 -19.16 16.68
N PRO B 55 -0.03 -19.97 17.74
CA PRO B 55 -1.29 -20.61 18.09
C PRO B 55 -2.24 -19.61 18.74
N PHE B 56 -3.54 -19.91 18.62
CA PHE B 56 -4.57 -19.19 19.38
C PHE B 56 -5.81 -20.07 19.49
N ILE B 57 -6.78 -19.59 20.25
CA ILE B 57 -8.01 -20.34 20.53
C ILE B 57 -9.20 -19.44 20.20
N SER B 58 -10.23 -20.02 19.59
CA SER B 58 -11.48 -19.32 19.38
C SER B 58 -12.61 -20.32 19.61
N CYS B 59 -13.75 -19.81 20.06
CA CYS B 59 -14.84 -20.71 20.45
C CYS B 59 -16.14 -20.31 19.79
N SER B 60 -16.95 -21.32 19.46
CA SER B 60 -18.37 -21.14 19.20
C SER B 60 -19.14 -21.56 20.45
N GLN B 61 -20.48 -21.47 20.41
CA GLN B 61 -21.23 -21.94 21.56
C GLN B 61 -21.16 -23.45 21.73
N ASP B 62 -20.86 -24.19 20.65
CA ASP B 62 -20.76 -25.64 20.72
C ASP B 62 -19.36 -26.14 21.08
N GLU B 63 -18.32 -25.52 20.55
CA GLU B 63 -16.98 -26.09 20.63
C GLU B 63 -15.94 -24.98 20.65
N CYS B 64 -14.87 -25.18 21.41
CA CYS B 64 -13.68 -24.36 21.28
C CYS B 64 -12.69 -25.09 20.38
N ARG B 65 -11.85 -24.32 19.71
CA ARG B 65 -10.88 -24.88 18.78
C ARG B 65 -9.53 -24.21 18.97
N LEU B 66 -8.47 -25.00 18.89
CA LEU B 66 -7.10 -24.50 18.90
C LEU B 66 -6.68 -24.28 17.47
N PHE B 67 -6.46 -23.02 17.09
CA PHE B 67 -5.96 -22.65 15.76
C PHE B 67 -4.46 -22.44 15.79
N THR B 68 -3.80 -22.70 14.67
CA THR B 68 -2.37 -22.39 14.60
C THR B 68 -1.92 -22.40 13.14
N LEU B 69 -0.69 -21.94 12.92
CA LEU B 69 -0.09 -21.90 11.58
C LEU B 69 0.92 -23.03 11.47
N ASP B 70 0.64 -24.01 10.59
CA ASP B 70 1.51 -25.16 10.46
C ASP B 70 2.52 -24.92 9.34
N HIS B 71 3.27 -25.96 8.97
CA HIS B 71 4.29 -25.89 7.92
C HIS B 71 4.17 -27.08 6.97
N ASP B 72 2.99 -27.70 6.87
CA ASP B 72 2.76 -28.77 5.89
C ASP B 72 3.72 -29.93 6.16
N VAL B 73 3.86 -30.31 7.42
CA VAL B 73 4.83 -31.33 7.82
C VAL B 73 4.50 -31.80 9.23
N SER B 74 4.93 -33.01 9.57
CA SER B 74 4.84 -33.49 10.94
C SER B 74 6.22 -33.81 11.51
N THR B 75 6.28 -33.91 12.83
CA THR B 75 7.50 -34.22 13.55
C THR B 75 7.27 -35.50 14.33
N PRO B 76 8.14 -36.51 14.21
CA PRO B 76 9.38 -36.56 13.42
C PRO B 76 9.10 -36.60 11.92
N GLY B 77 10.07 -36.10 11.15
CA GLY B 77 9.96 -36.13 9.71
C GLY B 77 11.10 -35.40 9.05
N ALA B 78 11.44 -35.76 7.81
CA ALA B 78 12.63 -35.23 7.18
C ALA B 78 12.49 -33.75 6.82
N TYR B 79 11.28 -33.28 6.58
CA TYR B 79 11.09 -31.91 6.14
C TYR B 79 10.85 -30.92 7.29
N ASP B 80 10.92 -31.35 8.53
CA ASP B 80 10.46 -30.43 9.57
C ASP B 80 11.50 -29.38 9.96
N GLY B 81 12.60 -29.27 9.21
CA GLY B 81 13.59 -28.23 9.46
C GLY B 81 13.19 -26.83 9.03
N ILE B 82 12.09 -26.69 8.28
CA ILE B 82 11.61 -25.38 7.86
C ILE B 82 10.72 -24.70 8.89
N THR B 83 10.50 -25.30 10.06
CA THR B 83 9.47 -24.81 10.97
C THR B 83 9.83 -23.48 11.65
N TRP B 84 11.05 -22.97 11.44
CA TRP B 84 11.44 -21.66 11.95
C TRP B 84 10.94 -20.52 11.08
N GLU B 85 10.53 -20.79 9.83
CA GLU B 85 10.22 -19.74 8.87
C GLU B 85 8.95 -18.99 9.25
N ASP B 86 8.95 -17.68 9.00
CA ASP B 86 7.74 -16.90 9.25
C ASP B 86 6.74 -17.03 8.10
N ARG B 87 7.20 -16.93 6.85
CA ARG B 87 6.31 -16.85 5.70
C ARG B 87 6.82 -17.76 4.60
N SER B 88 5.94 -18.58 4.06
CA SER B 88 6.28 -19.46 2.95
C SER B 88 5.01 -19.98 2.31
N LYS B 89 5.17 -20.67 1.19
CA LYS B 89 4.06 -21.31 0.50
C LYS B 89 3.57 -22.56 1.20
N ARG B 90 4.23 -22.98 2.28
CA ARG B 90 3.84 -24.20 2.97
C ARG B 90 2.86 -23.97 4.10
N ARG B 91 2.86 -22.79 4.70
CA ARG B 91 2.10 -22.59 5.92
C ARG B 91 0.61 -22.47 5.65
N ARG B 92 -0.18 -22.95 6.63
CA ARG B 92 -1.62 -22.93 6.54
C ARG B 92 -2.19 -22.62 7.92
N LEU B 93 -3.35 -21.98 7.94
CA LEU B 93 -4.15 -21.90 9.16
C LEU B 93 -4.89 -23.21 9.33
N VAL B 94 -4.59 -23.92 10.43
CA VAL B 94 -5.21 -25.22 10.71
C VAL B 94 -5.82 -25.14 12.10
N SER B 95 -6.65 -26.13 12.44
CA SER B 95 -7.19 -26.14 13.80
C SER B 95 -7.47 -27.56 14.25
N PHE B 96 -7.69 -27.68 15.55
CA PHE B 96 -7.95 -28.90 16.30
C PHE B 96 -9.06 -28.59 17.29
N PRO B 97 -10.01 -29.49 17.50
CA PRO B 97 -10.93 -29.32 18.63
C PRO B 97 -10.10 -29.13 19.90
N LEU B 98 -10.49 -28.16 20.73
CA LEU B 98 -9.68 -27.86 21.91
C LEU B 98 -9.67 -29.05 22.87
N GLY B 99 -8.48 -29.54 23.18
CA GLY B 99 -8.35 -30.76 23.97
C GLY B 99 -7.90 -31.96 23.17
N SER B 100 -8.07 -31.94 21.85
CA SER B 100 -7.41 -32.94 21.02
C SER B 100 -5.93 -32.61 20.92
N GLU B 101 -5.07 -33.61 21.03
CA GLU B 101 -3.67 -33.31 20.89
C GLU B 101 -3.33 -33.04 19.42
N LEU B 102 -2.21 -32.35 19.21
CA LEU B 102 -1.92 -31.76 17.91
C LEU B 102 -1.20 -32.79 17.04
N THR B 103 -1.99 -33.70 16.50
CA THR B 103 -1.51 -34.79 15.65
C THR B 103 -2.06 -34.65 14.25
N LEU B 104 -1.43 -35.34 13.32
CA LEU B 104 -1.82 -35.24 11.91
C LEU B 104 -3.30 -35.60 11.72
N ASP B 105 -3.77 -36.69 12.35
CA ASP B 105 -5.14 -37.12 12.08
C ASP B 105 -6.19 -36.20 12.72
N ASN B 106 -5.84 -35.44 13.77
CA ASN B 106 -6.78 -34.51 14.41
C ASN B 106 -6.86 -33.16 13.70
N MET B 107 -5.92 -32.87 12.80
CA MET B 107 -5.79 -31.54 12.21
C MET B 107 -6.87 -31.29 11.15
N LYS B 108 -7.34 -30.05 11.08
CA LYS B 108 -8.24 -29.62 10.02
C LYS B 108 -7.63 -28.40 9.35
N VAL B 109 -7.42 -28.46 8.04
CA VAL B 109 -6.85 -27.35 7.27
C VAL B 109 -7.96 -26.42 6.80
N HIS B 110 -7.80 -25.12 7.04
CA HIS B 110 -8.78 -24.11 6.63
C HIS B 110 -8.34 -23.27 5.44
N LEU B 111 -7.16 -22.64 5.51
CA LEU B 111 -6.70 -21.71 4.48
C LEU B 111 -5.18 -21.70 4.47
N SER B 112 -4.59 -21.71 3.28
CA SER B 112 -3.17 -21.45 3.15
C SER B 112 -2.87 -20.00 3.56
N GLY B 113 -1.70 -19.78 4.13
CA GLY B 113 -1.27 -18.44 4.47
C GLY B 113 -0.40 -18.45 5.70
N TRP B 114 0.15 -17.27 6.01
CA TRP B 114 1.20 -17.17 7.03
C TRP B 114 0.91 -16.11 8.09
N SER B 115 -0.33 -15.64 8.17
CA SER B 115 -0.79 -14.80 9.26
C SER B 115 -2.30 -15.03 9.35
N GLY B 116 -2.83 -15.18 10.57
CA GLY B 116 -4.18 -15.69 10.64
C GLY B 116 -5.01 -15.12 11.77
N THR B 117 -6.31 -15.37 11.67
CA THR B 117 -7.28 -15.06 12.71
C THR B 117 -8.54 -15.86 12.38
N ALA B 118 -9.43 -15.96 13.36
CA ALA B 118 -10.67 -16.70 13.18
C ALA B 118 -11.62 -16.29 14.30
N CYS B 119 -12.92 -16.34 14.02
CA CYS B 119 -13.92 -16.02 15.02
C CYS B 119 -15.28 -16.49 14.53
N HIS B 120 -16.13 -16.87 15.47
CA HIS B 120 -17.46 -17.41 15.19
C HIS B 120 -18.50 -16.35 15.52
N ASP B 121 -19.43 -16.08 14.61
CA ASP B 121 -20.37 -14.99 14.79
C ASP B 121 -21.70 -15.44 15.39
N GLY B 122 -21.79 -16.70 15.79
CA GLY B 122 -23.04 -17.27 16.23
C GLY B 122 -23.66 -18.20 15.22
N LYS B 123 -23.34 -18.03 13.93
CA LYS B 123 -23.88 -18.91 12.88
C LYS B 123 -22.80 -19.70 12.18
N GLU B 124 -21.70 -19.06 11.79
CA GLU B 124 -20.64 -19.72 11.03
C GLU B 124 -19.29 -19.19 11.51
N TRP B 125 -18.25 -19.99 11.28
CA TRP B 125 -16.89 -19.54 11.46
C TRP B 125 -16.49 -18.57 10.35
N THR B 126 -15.78 -17.51 10.72
CA THR B 126 -14.99 -16.73 9.78
C THR B 126 -13.53 -17.08 10.01
N TYR B 127 -12.85 -17.50 8.96
CA TYR B 127 -11.42 -17.76 9.01
C TYR B 127 -10.74 -16.77 8.07
N ALA B 128 -9.58 -16.26 8.48
CA ALA B 128 -8.87 -15.32 7.61
C ALA B 128 -7.38 -15.56 7.70
N THR B 129 -6.72 -15.60 6.55
CA THR B 129 -5.27 -15.61 6.49
C THR B 129 -4.78 -14.62 5.45
N VAL B 130 -3.53 -14.22 5.59
CA VAL B 130 -2.82 -13.46 4.58
C VAL B 130 -1.92 -14.43 3.82
N ASN B 131 -1.98 -14.36 2.48
CA ASN B 131 -1.22 -15.23 1.60
C ASN B 131 -0.53 -14.36 0.55
N GLY B 132 0.54 -14.87 -0.03
CA GLY B 132 1.17 -14.17 -1.13
C GLY B 132 2.56 -13.69 -0.80
N PRO B 133 3.23 -13.08 -1.79
CA PRO B 133 4.56 -12.50 -1.54
C PRO B 133 4.48 -11.27 -0.65
N ASP B 134 5.64 -10.89 -0.10
CA ASP B 134 5.70 -9.80 0.89
C ASP B 134 5.12 -8.49 0.35
N ASN B 135 5.35 -8.18 -0.93
CA ASN B 135 4.95 -6.89 -1.48
C ASN B 135 3.58 -6.92 -2.16
N SER B 136 2.90 -8.05 -2.19
CA SER B 136 1.59 -8.13 -2.81
C SER B 136 0.74 -9.15 -2.07
N ALA B 137 0.74 -9.07 -0.75
CA ALA B 137 0.01 -10.04 0.04
C ALA B 137 -1.49 -9.75 -0.02
N VAL B 138 -2.29 -10.79 0.20
CA VAL B 138 -3.75 -10.70 0.07
C VAL B 138 -4.36 -11.46 1.22
N MET B 139 -5.23 -10.80 2.00
CA MET B 139 -6.04 -11.52 2.98
C MET B 139 -7.28 -12.09 2.30
N ARG B 140 -7.52 -13.39 2.47
CA ARG B 140 -8.77 -14.01 2.08
C ARG B 140 -9.54 -14.43 3.33
N LEU B 141 -10.86 -14.25 3.29
CA LEU B 141 -11.73 -14.54 4.43
C LEU B 141 -12.72 -15.62 4.03
N LYS B 142 -12.72 -16.72 4.77
CA LYS B 142 -13.60 -17.85 4.50
C LYS B 142 -14.73 -17.83 5.50
N TYR B 143 -15.97 -17.92 5.01
CA TYR B 143 -17.15 -17.93 5.87
C TYR B 143 -17.82 -19.28 5.69
N GLY B 144 -17.75 -20.11 6.72
CA GLY B 144 -18.16 -21.50 6.59
C GLY B 144 -17.21 -22.20 5.66
N ASP B 145 -17.70 -22.61 4.48
CA ASP B 145 -16.87 -23.33 3.52
C ASP B 145 -16.45 -22.49 2.32
N GLN B 146 -16.94 -21.26 2.18
CA GLN B 146 -16.71 -20.44 0.99
C GLN B 146 -15.75 -19.29 1.28
N ILE B 147 -14.92 -18.93 0.30
CA ILE B 147 -14.12 -17.72 0.43
C ILE B 147 -15.00 -16.55 0.03
N ARG B 148 -15.44 -15.77 1.02
CA ARG B 148 -16.36 -14.67 0.76
C ARG B 148 -15.69 -13.31 0.71
N GLY B 149 -14.47 -13.19 1.20
CA GLY B 149 -13.82 -11.90 1.32
C GLY B 149 -12.39 -11.93 0.82
N SER B 150 -11.95 -10.79 0.33
CA SER B 150 -10.58 -10.64 -0.11
C SER B 150 -10.16 -9.20 0.15
N PHE B 151 -8.99 -9.04 0.75
CA PHE B 151 -8.54 -7.70 1.13
C PHE B 151 -7.07 -7.55 0.78
N PRO B 152 -6.72 -6.69 -0.16
CA PRO B 152 -5.34 -6.56 -0.61
C PRO B 152 -4.49 -5.60 0.24
N SER B 153 -3.18 -5.77 0.14
CA SER B 153 -2.21 -4.90 0.78
C SER B 153 -2.43 -3.43 0.45
N TYR B 154 -2.38 -2.56 1.48
CA TYR B 154 -2.52 -1.12 1.28
C TYR B 154 -1.24 -0.34 1.50
N ALA B 155 -0.18 -0.99 1.99
CA ALA B 155 1.10 -0.34 2.21
C ALA B 155 2.27 -1.12 1.61
N ASN B 156 2.01 -2.15 0.81
CA ASN B 156 3.06 -2.77 -0.01
C ASN B 156 4.16 -3.41 0.84
N ASN B 157 3.84 -3.83 2.07
CA ASN B 157 4.89 -4.37 2.93
C ASN B 157 4.34 -5.32 3.98
N ILE B 158 4.09 -6.57 3.58
CA ILE B 158 3.67 -7.65 4.48
C ILE B 158 2.38 -7.29 5.21
N LEU B 159 1.27 -7.21 4.50
CA LEU B 159 -0.03 -7.15 5.16
C LEU B 159 -0.12 -8.30 6.16
N ARG B 160 -0.63 -8.02 7.36
CA ARG B 160 -0.58 -9.04 8.39
C ARG B 160 -1.63 -8.74 9.45
N THR B 161 -1.99 -9.77 10.23
CA THR B 161 -3.10 -9.61 11.16
C THR B 161 -2.80 -10.13 12.57
N GLN B 162 -3.84 -10.52 13.31
CA GLN B 162 -3.75 -10.59 14.78
C GLN B 162 -2.97 -11.78 15.32
N GLU B 163 -3.03 -12.95 14.66
CA GLU B 163 -2.56 -14.22 15.25
C GLU B 163 -3.30 -14.54 16.54
N SER B 164 -4.53 -14.03 16.67
CA SER B 164 -5.45 -14.43 17.72
C SER B 164 -6.85 -14.17 17.19
N GLU B 165 -7.85 -14.59 17.96
CA GLU B 165 -9.22 -14.58 17.46
C GLU B 165 -9.72 -13.15 17.23
N CYS B 166 -10.55 -12.98 16.21
CA CYS B 166 -11.24 -11.72 16.02
C CYS B 166 -12.48 -11.67 16.92
N VAL B 167 -13.19 -10.55 16.89
CA VAL B 167 -14.33 -10.34 17.79
C VAL B 167 -15.56 -10.13 16.94
N CYS B 168 -16.62 -10.93 17.16
CA CYS B 168 -17.88 -10.78 16.44
C CYS B 168 -18.96 -10.28 17.38
N ILE B 169 -19.66 -9.23 16.97
CA ILE B 169 -20.76 -8.65 17.74
C ILE B 169 -21.92 -8.40 16.79
N ASP B 170 -23.08 -8.99 17.08
CA ASP B 170 -24.33 -8.70 16.37
C ASP B 170 -24.21 -8.96 14.87
N GLY B 171 -23.48 -10.00 14.50
CA GLY B 171 -23.38 -10.39 13.11
C GLY B 171 -22.23 -9.77 12.33
N LYS B 172 -21.49 -8.83 12.91
CA LYS B 172 -20.34 -8.25 12.27
C LYS B 172 -19.08 -8.65 13.04
N CYS B 173 -18.03 -8.98 12.31
CA CYS B 173 -16.77 -9.35 12.94
C CYS B 173 -15.72 -8.27 12.68
N TYR B 174 -14.83 -8.09 13.65
CA TYR B 174 -13.87 -7.00 13.66
C TYR B 174 -12.47 -7.59 13.70
N ILE B 175 -11.68 -7.27 12.67
CA ILE B 175 -10.34 -7.81 12.48
C ILE B 175 -9.38 -6.64 12.36
N ILE B 176 -8.30 -6.65 13.14
CA ILE B 176 -7.27 -5.62 13.04
C ILE B 176 -6.16 -6.12 12.13
N VAL B 177 -5.81 -5.31 11.14
CA VAL B 177 -4.71 -5.61 10.22
C VAL B 177 -3.71 -4.46 10.26
N ILE B 178 -2.50 -4.74 9.80
CA ILE B 178 -1.48 -3.73 9.64
C ILE B 178 -0.66 -4.05 8.39
N ASP B 179 -0.07 -3.01 7.81
CA ASP B 179 0.72 -3.12 6.59
C ASP B 179 1.77 -2.02 6.68
N GLY B 180 3.02 -2.34 6.38
CA GLY B 180 4.09 -1.38 6.53
C GLY B 180 5.31 -1.97 7.22
N PRO B 181 6.37 -1.18 7.34
CA PRO B 181 7.64 -1.72 7.82
C PRO B 181 7.60 -2.17 9.27
N ALA B 182 8.34 -3.24 9.55
CA ALA B 182 8.48 -3.74 10.91
C ALA B 182 9.28 -2.80 11.79
N GLY B 183 10.15 -1.97 11.21
CA GLY B 183 10.99 -1.09 11.99
C GLY B 183 10.59 0.37 11.96
N GLY B 184 9.41 0.70 11.48
CA GLY B 184 9.04 2.10 11.35
C GLY B 184 7.55 2.32 11.44
N THR B 185 7.09 3.46 10.92
CA THR B 185 5.68 3.80 11.00
C THR B 185 4.86 2.83 10.14
N ALA B 186 3.81 2.27 10.74
CA ALA B 186 2.86 1.38 10.06
C ALA B 186 1.51 1.58 10.71
N THR B 187 0.47 1.88 9.91
CA THR B 187 -0.82 2.26 10.49
C THR B 187 -1.76 1.06 10.50
N PRO B 188 -2.27 0.66 11.66
CA PRO B 188 -3.23 -0.44 11.70
C PRO B 188 -4.60 0.03 11.24
N LYS B 189 -5.42 -0.94 10.83
CA LYS B 189 -6.74 -0.70 10.28
C LYS B 189 -7.69 -1.74 10.83
N VAL B 190 -8.94 -1.34 11.09
CA VAL B 190 -9.99 -2.27 11.52
C VAL B 190 -10.85 -2.65 10.32
N LEU B 191 -10.91 -3.93 10.02
CA LEU B 191 -11.82 -4.44 8.99
C LEU B 191 -13.10 -4.89 9.68
N VAL B 192 -14.24 -4.52 9.09
CA VAL B 192 -15.55 -4.93 9.56
C VAL B 192 -16.10 -5.90 8.54
N THR B 193 -16.40 -7.13 8.97
CA THR B 193 -16.83 -8.16 8.04
C THR B 193 -18.26 -8.59 8.34
N ARG B 194 -18.94 -9.06 7.30
CA ARG B 194 -20.30 -9.57 7.40
C ARG B 194 -20.39 -10.80 6.49
N GLU B 195 -20.52 -11.97 7.09
CA GLU B 195 -20.45 -13.24 6.35
C GLU B 195 -19.14 -13.33 5.56
N GLY B 196 -18.04 -12.96 6.20
CA GLY B 196 -16.74 -12.98 5.56
C GLY B 196 -16.47 -11.84 4.61
N GLU B 197 -17.48 -11.09 4.20
CA GLU B 197 -17.29 -9.98 3.28
C GLU B 197 -16.81 -8.75 4.04
N VAL B 198 -15.77 -8.09 3.52
CA VAL B 198 -15.32 -6.84 4.11
C VAL B 198 -16.29 -5.75 3.69
N THR B 199 -17.10 -5.29 4.64
CA THR B 199 -18.09 -4.26 4.34
C THR B 199 -17.62 -2.85 4.66
N SER B 200 -16.62 -2.69 5.52
CA SER B 200 -16.20 -1.38 5.99
C SER B 200 -14.78 -1.46 6.49
N GLU B 201 -14.04 -0.36 6.35
CA GLU B 201 -12.79 -0.16 7.06
C GLU B 201 -12.98 0.95 8.08
N ILE B 202 -12.52 0.72 9.30
CA ILE B 202 -12.52 1.75 10.34
C ILE B 202 -11.11 2.27 10.51
N ILE B 203 -10.95 3.58 10.41
CA ILE B 203 -9.65 4.23 10.54
C ILE B 203 -9.28 4.36 12.01
N VAL B 204 -8.07 3.94 12.36
CA VAL B 204 -7.58 4.08 13.73
C VAL B 204 -6.98 5.48 13.88
N THR B 205 -7.60 6.31 14.71
CA THR B 205 -7.14 7.65 14.96
C THR B 205 -6.26 7.68 16.22
N GLY B 206 -5.82 8.86 16.60
CA GLY B 206 -5.03 8.99 17.82
C GLY B 206 -3.62 8.48 17.63
N ARG B 207 -3.16 7.67 18.58
CA ARG B 207 -1.81 7.11 18.54
C ARG B 207 -1.85 5.90 17.63
N ASN B 208 -1.43 6.07 16.38
CA ASN B 208 -1.70 5.07 15.35
C ASN B 208 -0.49 4.77 14.47
N LYS B 209 0.71 5.01 14.96
CA LYS B 209 1.90 4.82 14.14
C LYS B 209 2.45 3.41 14.22
N MET B 210 1.81 2.53 15.00
CA MET B 210 2.19 1.12 15.05
C MET B 210 1.06 0.37 15.73
N GLY B 211 1.15 -0.97 15.70
CA GLY B 211 0.15 -1.79 16.36
C GLY B 211 -0.04 -3.15 15.71
N GLU B 212 0.90 -4.06 15.94
CA GLU B 212 0.88 -5.39 15.36
C GLU B 212 0.19 -6.39 16.30
N GLU B 213 -0.32 -7.46 15.70
CA GLU B 213 -0.64 -8.70 16.41
C GLU B 213 -1.56 -8.44 17.62
N CYS B 214 -2.66 -7.72 17.38
CA CYS B 214 -3.52 -7.31 18.49
C CYS B 214 -4.30 -8.49 19.07
N SER B 215 -4.36 -8.53 20.40
CA SER B 215 -5.26 -9.44 21.12
C SER B 215 -6.48 -8.64 21.55
N CYS B 216 -7.67 -9.05 21.10
CA CYS B 216 -8.86 -8.22 21.25
C CYS B 216 -9.95 -8.91 22.04
N LEU B 217 -10.63 -8.13 22.89
CA LEU B 217 -11.76 -8.60 23.68
C LEU B 217 -12.78 -7.49 23.77
N ALA B 218 -14.05 -7.87 23.80
CA ALA B 218 -15.10 -6.88 24.07
C ALA B 218 -15.00 -6.40 25.52
N THR B 219 -15.11 -5.07 25.70
CA THR B 219 -15.09 -4.50 27.05
C THR B 219 -16.49 -4.27 27.62
N ASN B 220 -17.51 -4.28 26.78
CA ASN B 220 -18.89 -4.29 27.20
C ASN B 220 -19.72 -4.70 25.98
N ARG B 221 -21.01 -4.33 25.99
CA ARG B 221 -21.93 -4.81 24.96
C ARG B 221 -21.57 -4.32 23.57
N THR B 222 -20.90 -3.18 23.45
CA THR B 222 -20.71 -2.55 22.15
C THR B 222 -19.29 -2.10 21.84
N TRP B 223 -18.34 -2.23 22.77
CA TRP B 223 -16.97 -1.76 22.57
C TRP B 223 -15.98 -2.91 22.65
N ILE B 224 -14.87 -2.75 21.92
CA ILE B 224 -13.79 -3.72 21.85
C ILE B 224 -12.49 -3.03 22.24
N GLU B 225 -11.63 -3.74 22.96
CA GLU B 225 -10.30 -3.24 23.30
C GLU B 225 -9.24 -4.22 22.82
N CYS B 226 -8.21 -3.70 22.15
CA CYS B 226 -7.13 -4.51 21.60
C CYS B 226 -5.79 -4.09 22.20
N LEU B 227 -4.99 -5.09 22.59
CA LEU B 227 -3.66 -4.89 23.15
C LEU B 227 -2.64 -5.34 22.13
N CYS B 228 -1.79 -4.43 21.68
CA CYS B 228 -1.00 -4.71 20.48
C CYS B 228 0.50 -4.66 20.78
N ARG B 229 1.29 -4.75 19.71
CA ARG B 229 2.73 -4.77 19.77
C ARG B 229 3.26 -3.61 18.93
N ASP B 230 4.02 -2.72 19.55
CA ASP B 230 4.72 -1.67 18.81
C ASP B 230 6.12 -2.21 18.58
N ASN B 231 6.39 -2.63 17.36
CA ASN B 231 7.68 -3.25 17.08
C ASN B 231 8.79 -2.23 16.87
N ALA B 232 8.50 -0.95 16.92
CA ALA B 232 9.53 0.01 16.50
C ALA B 232 9.81 1.12 17.51
N PHE B 233 8.80 1.62 18.22
CA PHE B 233 8.94 2.88 18.94
C PHE B 233 8.94 2.79 20.46
N SER B 234 8.33 1.76 21.05
CA SER B 234 8.12 1.83 22.50
C SER B 234 7.98 0.43 23.09
N ALA B 235 8.45 0.30 24.33
CA ALA B 235 8.19 -0.89 25.13
C ALA B 235 6.83 -0.87 25.79
N LYS B 236 6.12 0.25 25.77
CA LYS B 236 4.71 0.28 26.15
C LYS B 236 3.87 -0.32 25.03
N ARG B 237 2.78 -1.02 25.40
CA ARG B 237 1.97 -1.60 24.35
C ARG B 237 0.90 -0.63 23.86
N PRO B 238 0.69 -0.54 22.55
CA PRO B 238 -0.46 0.23 22.06
C PRO B 238 -1.77 -0.45 22.43
N ILE B 239 -2.79 0.37 22.65
CA ILE B 239 -4.14 -0.10 22.91
C ILE B 239 -5.06 0.55 21.89
N ILE B 240 -5.92 -0.24 21.27
CA ILE B 240 -6.90 0.24 20.30
C ILE B 240 -8.28 -0.05 20.86
N ARG B 241 -9.13 0.98 20.93
CA ARG B 241 -10.52 0.81 21.33
C ARG B 241 -11.43 1.07 20.14
N ILE B 242 -12.42 0.20 19.96
CA ILE B 242 -13.34 0.27 18.85
C ILE B 242 -14.74 0.48 19.39
N ASP B 243 -15.44 1.48 18.86
CA ASP B 243 -16.84 1.71 19.16
C ASP B 243 -17.65 1.14 18.00
N THR B 244 -18.29 -0.02 18.22
CA THR B 244 -18.98 -0.66 17.11
C THR B 244 -20.25 0.08 16.69
N VAL B 245 -20.85 0.86 17.60
CA VAL B 245 -22.05 1.61 17.23
C VAL B 245 -21.69 2.85 16.40
N ALA B 246 -20.75 3.65 16.90
CA ALA B 246 -20.28 4.80 16.13
C ALA B 246 -19.42 4.38 14.93
N GLY B 247 -18.82 3.20 14.98
CA GLY B 247 -17.95 2.77 13.90
C GLY B 247 -16.67 3.58 13.86
N THR B 248 -16.05 3.77 15.03
CA THR B 248 -14.80 4.52 15.14
C THR B 248 -13.81 3.71 15.97
N ALA B 249 -12.54 4.03 15.79
CA ALA B 249 -11.46 3.38 16.53
C ALA B 249 -10.39 4.41 16.89
N ARG B 250 -9.83 4.29 18.09
CA ARG B 250 -8.80 5.20 18.56
C ARG B 250 -7.65 4.43 19.19
N GLY B 251 -6.42 4.82 18.88
CA GLY B 251 -5.23 4.22 19.45
C GLY B 251 -4.66 5.03 20.59
N TYR B 252 -4.10 4.32 21.57
CA TYR B 252 -3.48 4.89 22.77
C TYR B 252 -2.19 4.12 23.06
N LEU B 253 -1.37 4.67 23.94
CA LEU B 253 -0.25 3.91 24.51
C LEU B 253 -0.61 3.53 25.93
N MET B 254 -0.48 2.24 26.25
CA MET B 254 -0.71 1.80 27.63
C MET B 254 0.23 2.55 28.57
N CYS B 255 -0.35 3.16 29.59
CA CYS B 255 0.36 4.14 30.41
C CYS B 255 1.08 3.55 31.63
N SER B 256 0.77 2.32 32.02
CA SER B 256 1.30 1.77 33.27
C SER B 256 2.83 1.70 33.27
N ASP B 257 3.42 2.03 34.41
CA ASP B 257 4.85 1.82 34.66
C ASP B 257 5.27 0.37 34.43
N THR B 258 4.34 -0.57 34.49
CA THR B 258 4.64 -1.98 34.26
C THR B 258 4.57 -2.24 32.76
N TYR B 259 5.67 -1.95 32.06
CA TYR B 259 5.67 -2.05 30.59
C TYR B 259 5.58 -3.53 30.19
N LEU B 260 4.72 -3.83 29.22
CA LEU B 260 4.37 -5.22 28.97
C LEU B 260 5.11 -5.85 27.80
N ASP B 261 5.81 -5.08 26.97
CA ASP B 261 6.49 -5.67 25.83
C ASP B 261 7.85 -6.25 26.26
N THR B 262 8.48 -6.97 25.32
CA THR B 262 9.81 -7.53 25.49
C THR B 262 10.55 -7.34 24.17
N PRO B 263 11.73 -6.69 24.17
CA PRO B 263 12.47 -6.13 25.31
C PRO B 263 11.87 -4.85 25.88
N ARG B 264 12.31 -4.44 27.06
CA ARG B 264 11.75 -3.28 27.74
C ARG B 264 12.78 -2.76 28.72
N PRO B 265 12.73 -1.48 29.05
CA PRO B 265 13.60 -0.93 30.11
C PRO B 265 12.97 -1.24 31.47
N ALA B 266 13.64 -0.76 32.53
CA ALA B 266 13.14 -0.97 33.88
C ALA B 266 11.78 -0.30 34.06
N ASP B 267 10.94 -0.92 34.89
CA ASP B 267 9.59 -0.42 35.13
C ASP B 267 9.63 1.05 35.56
N GLY B 268 8.77 1.86 34.96
CA GLY B 268 8.64 3.26 35.31
C GLY B 268 9.73 4.17 34.81
N SER B 269 10.73 3.66 34.09
CA SER B 269 11.87 4.50 33.72
C SER B 269 11.64 5.35 32.48
N ILE B 270 10.54 5.16 31.77
CA ILE B 270 10.17 6.05 30.66
C ILE B 270 9.58 7.33 31.25
N THR B 271 10.23 8.46 30.99
CA THR B 271 9.86 9.74 31.61
C THR B 271 9.00 10.59 30.69
N GLY B 272 7.86 11.08 31.20
CA GLY B 272 7.00 11.98 30.47
C GLY B 272 5.54 11.55 30.54
N SER B 273 4.76 12.04 29.59
CA SER B 273 3.32 11.80 29.56
C SER B 273 3.02 10.34 29.21
N CYS B 274 1.73 10.00 29.23
CA CYS B 274 1.30 8.64 28.88
C CYS B 274 1.78 8.24 27.49
N GLU B 275 1.75 9.16 26.53
CA GLU B 275 2.11 8.82 25.15
C GLU B 275 3.59 9.00 24.85
N THR B 276 4.44 9.15 25.87
CA THR B 276 5.87 9.22 25.61
C THR B 276 6.39 7.83 25.24
N ASP B 277 7.07 7.72 24.09
CA ASP B 277 7.56 6.42 23.62
C ASP B 277 8.63 5.84 24.54
N GLY B 278 9.59 6.67 24.95
CA GLY B 278 10.80 6.16 25.55
C GLY B 278 11.94 6.08 24.54
N THR B 279 13.14 5.90 25.06
CA THR B 279 14.31 5.97 24.19
C THR B 279 14.58 4.67 23.45
N SER B 280 14.12 3.54 23.98
CA SER B 280 14.33 2.26 23.32
C SER B 280 13.15 1.93 22.40
N GLY B 281 12.61 0.72 22.52
CA GLY B 281 11.37 0.36 21.88
C GLY B 281 11.49 -0.57 20.68
N GLY B 282 12.68 -0.78 20.13
CA GLY B 282 12.82 -1.66 18.99
C GLY B 282 12.57 -3.12 19.38
N GLY B 283 11.89 -3.85 18.50
CA GLY B 283 11.54 -5.23 18.76
C GLY B 283 10.32 -5.33 19.66
N GLY B 284 9.84 -6.56 19.81
CA GLY B 284 8.65 -6.78 20.61
C GLY B 284 8.15 -8.20 20.46
N VAL B 285 6.98 -8.46 21.04
CA VAL B 285 6.36 -9.77 21.04
C VAL B 285 4.86 -9.57 21.20
N LYS B 286 4.07 -10.46 20.61
CA LYS B 286 2.62 -10.40 20.81
C LYS B 286 2.30 -10.59 22.28
N GLY B 287 1.40 -9.75 22.79
CA GLY B 287 0.95 -9.81 24.17
C GLY B 287 -0.55 -10.08 24.26
N ALA B 288 -1.03 -10.20 25.50
CA ALA B 288 -2.40 -10.62 25.72
C ALA B 288 -2.92 -10.08 27.03
N PHE B 289 -4.26 -10.09 27.16
CA PHE B 289 -4.92 -9.71 28.41
C PHE B 289 -6.25 -10.45 28.54
N ALA B 290 -6.81 -10.38 29.73
CA ALA B 290 -8.16 -10.86 30.00
C ALA B 290 -8.84 -9.81 30.87
N LEU B 291 -10.12 -10.03 31.17
CA LEU B 291 -10.87 -8.97 31.85
C LEU B 291 -12.10 -9.56 32.53
N SER B 292 -12.68 -8.75 33.40
CA SER B 292 -14.01 -8.93 33.95
C SER B 292 -14.86 -7.76 33.50
N ARG B 293 -16.09 -8.02 33.09
CA ARG B 293 -16.93 -6.95 32.58
C ARG B 293 -18.38 -7.22 32.92
N THR B 294 -19.16 -6.14 32.99
CA THR B 294 -20.62 -6.25 32.93
C THR B 294 -21.01 -5.95 31.48
N THR B 295 -22.32 -5.79 31.25
CA THR B 295 -22.75 -5.38 29.91
C THR B 295 -22.44 -3.91 29.63
N GLU B 296 -22.05 -3.15 30.65
CA GLU B 296 -21.81 -1.71 30.53
C GLU B 296 -20.34 -1.31 30.63
N ALA B 297 -19.51 -2.06 31.34
CA ALA B 297 -18.16 -1.60 31.61
C ALA B 297 -17.26 -2.76 32.00
N THR B 298 -15.98 -2.66 31.63
CA THR B 298 -14.96 -3.55 32.16
C THR B 298 -14.58 -3.09 33.56
N THR B 299 -14.52 -4.04 34.50
CA THR B 299 -14.27 -3.75 35.91
C THR B 299 -12.92 -4.23 36.39
N GLU B 300 -12.22 -5.05 35.62
CA GLU B 300 -10.91 -5.54 36.02
C GLU B 300 -10.20 -6.05 34.77
N ARG B 301 -8.90 -5.85 34.69
CA ARG B 301 -8.11 -6.34 33.59
C ARG B 301 -6.94 -7.16 34.13
N PHE B 302 -6.55 -8.18 33.36
CA PHE B 302 -5.49 -9.10 33.72
C PHE B 302 -4.49 -9.10 32.58
N TYR B 303 -3.20 -9.01 32.90
CA TYR B 303 -2.16 -8.88 31.88
C TYR B 303 -1.07 -9.92 32.10
N VAL B 304 -0.34 -10.21 31.04
CA VAL B 304 0.82 -11.09 31.10
C VAL B 304 2.01 -10.33 30.53
N ARG B 305 3.19 -10.64 31.04
CA ARG B 305 4.42 -10.28 30.35
C ARG B 305 5.48 -11.32 30.70
N THR B 306 6.60 -11.25 30.00
CA THR B 306 7.68 -12.21 30.27
C THR B 306 8.37 -11.87 31.58
N VAL B 307 9.05 -12.88 32.15
CA VAL B 307 9.89 -12.65 33.32
C VAL B 307 11.09 -11.79 32.93
N SER B 308 11.76 -12.16 31.85
CA SER B 308 12.94 -11.42 31.41
C SER B 308 12.53 -10.12 30.73
N SER B 309 13.28 -9.06 30.99
CA SER B 309 13.08 -7.81 30.28
C SER B 309 13.84 -7.75 28.96
N SER B 310 14.55 -8.81 28.59
CA SER B 310 15.32 -8.75 27.35
C SER B 310 15.05 -9.95 26.45
N ALA B 311 14.72 -11.10 27.02
CA ALA B 311 14.48 -12.30 26.25
C ALA B 311 13.04 -12.76 26.42
N ARG B 312 12.57 -13.56 25.47
CA ARG B 312 11.23 -14.13 25.52
C ARG B 312 11.29 -15.39 26.41
N SER B 313 11.29 -15.16 27.72
CA SER B 313 11.36 -16.26 28.67
C SER B 313 10.55 -15.91 29.91
N GLY B 314 9.80 -16.89 30.41
CA GLY B 314 8.93 -16.69 31.55
C GLY B 314 7.63 -15.98 31.20
N ALA B 315 6.69 -16.04 32.14
CA ALA B 315 5.40 -15.39 32.00
C ALA B 315 4.90 -15.01 33.38
N VAL B 316 4.53 -13.75 33.57
CA VAL B 316 4.06 -13.26 34.86
C VAL B 316 2.72 -12.58 34.65
N PHE B 317 1.75 -12.89 35.51
CA PHE B 317 0.42 -12.30 35.43
C PHE B 317 0.31 -11.11 36.37
N TYR B 318 -0.43 -10.09 35.92
CA TYR B 318 -0.72 -8.89 36.68
C TYR B 318 -2.21 -8.57 36.54
N LYS B 319 -2.71 -7.66 37.38
CA LYS B 319 -4.08 -7.20 37.27
C LYS B 319 -4.16 -5.73 37.66
N THR B 320 -5.26 -5.10 37.23
CA THR B 320 -5.53 -3.71 37.61
C THR B 320 -7.02 -3.42 37.42
N THR B 321 -7.53 -2.52 38.26
CA THR B 321 -8.87 -1.97 38.07
C THR B 321 -8.83 -0.55 37.51
N ASP B 322 -7.67 -0.07 37.11
CA ASP B 322 -7.52 1.25 36.50
C ASP B 322 -7.77 1.18 35.00
N ASP B 323 -8.01 2.35 34.41
CA ASP B 323 -8.07 2.47 32.95
C ASP B 323 -6.66 2.43 32.40
N PRO B 324 -6.30 1.43 31.60
CA PRO B 324 -4.90 1.31 31.16
C PRO B 324 -4.44 2.42 30.21
N THR B 325 -5.34 3.21 29.66
CA THR B 325 -4.91 4.31 28.80
C THR B 325 -4.70 5.62 29.55
N GLU B 326 -5.04 5.66 30.84
CA GLU B 326 -5.00 6.89 31.63
C GLU B 326 -4.14 6.82 32.89
N SER B 327 -3.90 5.65 33.44
CA SER B 327 -3.24 5.52 34.73
C SER B 327 -1.81 5.02 34.53
N ASN B 328 -0.85 5.69 35.15
CA ASN B 328 0.52 5.21 35.13
C ASN B 328 0.86 4.31 36.33
N ASN B 329 -0.12 3.96 37.17
CA ASN B 329 0.17 3.12 38.33
C ASN B 329 0.77 1.78 37.89
N PRO B 330 1.72 1.24 38.63
CA PRO B 330 2.15 -0.14 38.38
C PRO B 330 0.98 -1.10 38.55
N LEU B 331 1.00 -2.17 37.76
CA LEU B 331 -0.01 -3.21 37.86
C LEU B 331 0.25 -4.05 39.11
N THR B 332 -0.78 -4.80 39.52
CA THR B 332 -0.72 -5.62 40.72
C THR B 332 -0.25 -7.02 40.37
N LEU B 333 0.83 -7.49 41.02
CA LEU B 333 1.37 -8.81 40.71
C LEU B 333 0.39 -9.91 41.11
N ILE B 334 0.13 -10.82 40.18
CA ILE B 334 -0.62 -12.05 40.47
C ILE B 334 0.32 -13.20 40.76
N GLY B 335 1.31 -13.40 39.90
CA GLY B 335 2.34 -14.39 40.17
C GLY B 335 2.94 -14.91 38.88
N THR B 336 3.93 -15.78 39.06
CA THR B 336 4.67 -16.33 37.93
C THR B 336 3.94 -17.59 37.43
N ALA B 337 3.47 -17.52 36.18
CA ALA B 337 2.79 -18.65 35.56
C ALA B 337 3.75 -19.56 34.80
N VAL B 338 4.84 -19.03 34.28
CA VAL B 338 5.88 -19.82 33.65
C VAL B 338 7.22 -19.29 34.17
N GLY B 339 8.04 -20.18 34.71
CA GLY B 339 9.30 -19.77 35.32
C GLY B 339 10.25 -19.13 34.31
N GLY B 340 11.14 -18.27 34.83
CA GLY B 340 12.00 -17.46 33.98
C GLY B 340 13.00 -18.25 33.15
N ALA B 341 13.26 -19.50 33.50
CA ALA B 341 14.17 -20.32 32.73
C ALA B 341 13.51 -20.99 31.51
N ILE B 342 12.21 -20.80 31.33
CA ILE B 342 11.45 -21.52 30.30
C ILE B 342 11.09 -20.53 29.20
N PRO B 343 11.46 -20.78 27.95
CA PRO B 343 11.06 -19.89 26.86
C PRO B 343 9.55 -19.74 26.81
N MET B 344 9.12 -18.52 26.55
CA MET B 344 7.70 -18.19 26.47
C MET B 344 7.58 -17.08 25.45
N TRP B 345 6.87 -17.34 24.36
CA TRP B 345 6.86 -16.45 23.21
C TRP B 345 5.57 -15.64 23.16
N TYR B 346 4.71 -15.92 22.19
CA TYR B 346 3.44 -15.20 22.06
C TYR B 346 2.49 -15.59 23.17
N SER B 347 1.56 -14.68 23.45
CA SER B 347 0.40 -14.98 24.27
C SER B 347 -0.83 -14.44 23.55
N PHE B 348 -2.00 -14.98 23.91
CA PHE B 348 -3.17 -14.59 23.14
C PHE B 348 -4.38 -14.53 24.05
N SER B 349 -5.28 -13.59 23.77
CA SER B 349 -6.56 -13.45 24.46
C SER B 349 -7.63 -14.25 23.74
N PHE B 350 -8.55 -14.86 24.50
CA PHE B 350 -9.74 -15.39 23.86
C PHE B 350 -10.88 -15.42 24.88
N GLU B 351 -12.09 -15.63 24.36
CA GLU B 351 -13.30 -15.60 25.16
C GLU B 351 -14.09 -16.87 24.91
N ILE B 352 -14.56 -17.49 25.99
CA ILE B 352 -15.40 -18.67 25.91
C ILE B 352 -16.84 -18.23 26.13
N PRO B 353 -17.71 -18.27 25.13
CA PRO B 353 -19.09 -17.85 25.33
C PRO B 353 -19.85 -18.90 26.12
N GLY B 354 -20.84 -18.45 26.88
CA GLY B 354 -21.64 -19.35 27.68
C GLY B 354 -23.11 -19.02 27.57
N LYS B 355 -23.94 -19.90 28.13
CA LYS B 355 -25.37 -19.68 28.12
C LYS B 355 -25.77 -18.57 29.08
N VAL B 356 -25.09 -18.46 30.22
CA VAL B 356 -25.43 -17.44 31.20
C VAL B 356 -24.37 -16.36 31.32
N CYS B 357 -23.08 -16.68 31.16
CA CYS B 357 -22.03 -15.68 31.26
C CYS B 357 -20.89 -16.08 30.35
N ASP B 358 -20.06 -15.09 30.01
CA ASP B 358 -18.87 -15.30 29.19
C ASP B 358 -17.64 -15.39 30.08
N GLN B 359 -16.55 -15.93 29.53
CA GLN B 359 -15.31 -16.04 30.30
C GLN B 359 -14.12 -15.75 29.39
N THR B 360 -13.20 -14.89 29.84
CA THR B 360 -12.02 -14.58 29.04
C THR B 360 -10.79 -15.29 29.61
N CYS B 361 -9.83 -15.57 28.73
CA CYS B 361 -8.68 -16.39 29.07
C CYS B 361 -7.45 -15.87 28.36
N ILE B 362 -6.28 -16.31 28.83
CA ILE B 362 -5.01 -16.04 28.17
C ILE B 362 -4.34 -17.36 27.87
N GLY B 363 -3.90 -17.56 26.63
CA GLY B 363 -3.09 -18.69 26.25
C GLY B 363 -1.63 -18.28 26.10
N LEU B 364 -0.73 -19.22 26.38
CA LEU B 364 0.71 -18.97 26.38
C LEU B 364 1.39 -19.92 25.39
N GLU B 365 2.15 -19.35 24.45
CA GLU B 365 2.96 -20.14 23.51
C GLU B 365 4.30 -20.43 24.17
N MET B 366 4.41 -21.57 24.84
CA MET B 366 5.68 -21.95 25.47
C MET B 366 6.59 -22.55 24.40
N GLY B 367 7.63 -21.80 24.03
CA GLY B 367 8.39 -22.12 22.83
C GLY B 367 9.36 -23.28 23.00
N LEU B 368 9.53 -24.04 21.92
CA LEU B 368 10.45 -25.17 21.85
C LEU B 368 11.23 -25.04 20.55
N THR B 369 12.56 -25.03 20.65
CA THR B 369 13.35 -24.89 19.44
C THR B 369 14.75 -25.46 19.65
N MET B 370 15.31 -25.97 18.56
CA MET B 370 16.69 -26.42 18.57
C MET B 370 17.68 -25.27 18.35
N GLY B 371 17.19 -24.10 17.94
CA GLY B 371 18.04 -22.94 17.80
C GLY B 371 17.72 -22.16 16.54
N HIS B 372 18.65 -21.29 16.17
CA HIS B 372 18.45 -20.38 15.04
C HIS B 372 18.31 -21.14 13.73
N GLN B 373 17.20 -20.90 13.02
CA GLN B 373 16.89 -21.54 11.74
C GLN B 373 16.91 -23.07 11.84
N LEU B 374 16.50 -23.60 12.98
CA LEU B 374 16.31 -25.03 13.19
C LEU B 374 14.88 -25.28 13.65
N TRP B 375 14.56 -26.55 13.91
CA TRP B 375 13.22 -26.97 14.31
C TRP B 375 12.66 -26.06 15.40
N THR B 376 11.39 -25.69 15.26
CA THR B 376 10.70 -24.71 16.11
C THR B 376 9.23 -25.10 16.26
N SER B 377 8.76 -25.18 17.50
CA SER B 377 7.32 -25.35 17.74
C SER B 377 7.01 -24.88 19.16
N ASN B 378 6.00 -25.47 19.80
CA ASN B 378 5.58 -24.98 21.11
C ASN B 378 4.72 -26.00 21.83
N SER B 379 4.40 -25.66 23.07
CA SER B 379 3.32 -26.20 23.88
C SER B 379 2.43 -25.02 24.28
N VAL B 380 1.12 -25.25 24.39
CA VAL B 380 0.18 -24.18 24.70
C VAL B 380 -0.43 -24.43 26.08
N ALA B 381 -0.28 -23.46 26.98
CA ALA B 381 -0.93 -23.48 28.28
C ALA B 381 -2.04 -22.44 28.30
N VAL B 382 -3.15 -22.76 28.97
CA VAL B 382 -4.34 -21.91 29.00
C VAL B 382 -4.68 -21.58 30.45
N TYR B 383 -4.86 -20.28 30.74
CA TYR B 383 -5.30 -19.76 32.02
C TYR B 383 -6.56 -18.91 31.83
N CYS B 384 -7.54 -19.05 32.73
CA CYS B 384 -8.80 -18.33 32.59
C CYS B 384 -9.16 -17.55 33.85
N VAL B 385 -10.03 -16.56 33.68
CA VAL B 385 -10.42 -15.68 34.79
C VAL B 385 -11.42 -16.41 35.68
N ILE B 386 -10.96 -16.80 36.86
CA ILE B 386 -11.77 -17.56 37.82
C ILE B 386 -10.98 -17.59 39.11
N GLY B 387 -11.68 -17.78 40.24
CA GLY B 387 -11.01 -17.98 41.52
C GLY B 387 -10.39 -16.69 42.07
N ASP B 388 -9.47 -16.87 43.02
CA ASP B 388 -8.91 -15.74 43.74
C ASP B 388 -7.39 -15.69 43.76
N ASN B 389 -6.70 -16.76 43.38
CA ASN B 389 -5.25 -16.78 43.36
C ASN B 389 -4.79 -17.69 42.23
N LEU B 390 -3.61 -17.39 41.69
CA LEU B 390 -2.97 -18.27 40.72
C LEU B 390 -2.73 -19.65 41.35
N ASP B 391 -3.13 -20.71 40.64
CA ASP B 391 -3.06 -22.05 41.22
C ASP B 391 -1.69 -22.70 41.04
N TRP B 392 -1.11 -22.64 39.84
CA TRP B 392 0.16 -23.31 39.60
C TRP B 392 0.82 -22.74 38.34
N ASP B 393 2.13 -22.86 38.30
CA ASP B 393 2.86 -22.51 37.09
C ASP B 393 2.90 -23.71 36.14
N SER B 394 3.29 -23.44 34.89
CA SER B 394 3.32 -24.44 33.84
C SER B 394 4.76 -24.69 33.40
N THR B 395 5.04 -25.93 33.01
CA THR B 395 6.33 -26.32 32.45
C THR B 395 6.06 -27.13 31.19
N THR B 396 7.10 -27.38 30.39
CA THR B 396 6.91 -28.27 29.24
C THR B 396 7.50 -29.65 29.45
N ASP B 397 8.64 -29.75 30.14
CA ASP B 397 9.39 -30.99 30.29
C ASP B 397 9.67 -31.63 28.93
N VAL B 398 9.86 -30.80 27.90
CA VAL B 398 10.28 -31.24 26.58
C VAL B 398 11.67 -30.66 26.36
N VAL B 399 12.64 -31.53 26.08
CA VAL B 399 13.99 -31.12 25.70
C VAL B 399 14.10 -31.28 24.19
N PRO B 400 14.21 -30.20 23.41
CA PRO B 400 14.23 -30.34 21.95
C PRO B 400 15.29 -31.29 21.43
N ALA B 401 16.44 -31.39 22.11
CA ALA B 401 17.45 -32.39 21.74
C ALA B 401 16.88 -33.79 21.66
N ASP B 402 15.85 -34.10 22.45
CA ASP B 402 15.26 -35.44 22.47
C ASP B 402 14.30 -35.71 21.32
N ILE B 403 13.90 -34.68 20.59
CA ILE B 403 12.92 -34.87 19.53
C ILE B 403 13.61 -35.51 18.33
N VAL B 404 13.05 -36.63 17.88
CA VAL B 404 13.68 -37.42 16.82
C VAL B 404 13.61 -36.77 15.45
#